data_8BG4
#
_entry.id   8BG4
#
_cell.length_a   88.294
_cell.length_b   90.946
_cell.length_c   154.602
_cell.angle_alpha   90.000
_cell.angle_beta   90.000
_cell.angle_gamma   90.000
#
_symmetry.space_group_name_H-M   'P 21 21 21'
#
loop_
_entity.id
_entity.type
_entity.pdbx_description
1 polymer 'pT1611 single-chain Fv'
2 polymer 'Spike protein S1'
3 non-polymer 2-acetamido-2-deoxy-beta-D-glucopyranose
4 water water
#
loop_
_entity_poly.entity_id
_entity_poly.type
_entity_poly.pdbx_seq_one_letter_code
_entity_poly.pdbx_strand_id
1 'polypeptide(L)'
;EVQLVESGGGLIQPGGSLRLSCAASGVTVSRNYMSWVRQAPGKGLEWVSIIYAGGSTFYADSVKGRFTVSRDNSKNTLYL
QMNSLRAEDTAVYYCVRDLQDYGMDVWGQGTTVTVSSGTGGSGGGGSGGGGSGGGGDMQLTQSPSFLSASVGDRVTITCR
ASQGISSYLAWYQQKPGKAPKLLIYAASTLQSGVPSRFSGRGSGTEFTLTISSLQPEDFATYYCQQLNSYPPGTFGQGTK
VEIKDDDDK
;
A,C
2 'polypeptide(L)'
;NLCPFGEVFNATRFASVYAWNRKRISNCVADYSVLYNSASFSTFKCYGVSPTKLNDLCFTNVYADSFVIRGDEVRQIAPG
QTGKIADYNYKLPDDFTGCVIAWNSNNLDSKVGGNYNYLYRLFRKSNLKPFERDISTEIYQAGSTPCNGVEGFNCYFPLQ
SYGFQPTNGVGYQPYRVVVLSFELLHAPATVCGPDDDDK
;
B,D
#
# COMPACT_ATOMS: atom_id res chain seq x y z
N VAL A 2 -16.46 -29.49 19.56
CA VAL A 2 -16.13 -28.65 18.40
C VAL A 2 -14.79 -29.07 17.80
N GLN A 3 -14.81 -29.49 16.53
CA GLN A 3 -13.55 -29.82 15.89
C GLN A 3 -13.69 -29.71 14.38
N LEU A 4 -12.56 -29.48 13.74
CA LEU A 4 -12.41 -29.48 12.28
C LEU A 4 -11.40 -30.56 11.94
N VAL A 5 -11.74 -31.45 11.01
CA VAL A 5 -10.89 -32.60 10.72
C VAL A 5 -10.53 -32.59 9.24
N GLU A 6 -9.30 -32.20 8.93
CA GLU A 6 -8.82 -32.15 7.55
C GLU A 6 -8.32 -33.50 7.08
N SER A 7 -8.46 -33.74 5.78
CA SER A 7 -7.93 -34.94 5.14
C SER A 7 -7.70 -34.61 3.68
N GLY A 8 -6.99 -35.51 2.98
CA GLY A 8 -6.80 -35.39 1.56
C GLY A 8 -5.40 -35.03 1.13
N GLY A 9 -4.51 -34.71 2.07
CA GLY A 9 -3.14 -34.40 1.72
C GLY A 9 -2.38 -35.63 1.27
N GLY A 10 -1.14 -35.41 0.87
CA GLY A 10 -0.28 -36.51 0.49
C GLY A 10 0.97 -36.02 -0.20
N LEU A 11 1.64 -36.96 -0.85
CA LEU A 11 2.92 -36.72 -1.51
C LEU A 11 2.71 -36.87 -3.01
N ILE A 12 3.05 -35.84 -3.76
CA ILE A 12 2.73 -35.79 -5.19
C ILE A 12 3.83 -35.00 -5.90
N GLN A 13 3.92 -35.18 -7.23
CA GLN A 13 4.88 -34.41 -8.01
C GLN A 13 4.23 -33.15 -8.58
N PRO A 14 5.03 -32.16 -9.00
CA PRO A 14 4.42 -30.92 -9.51
C PRO A 14 3.56 -31.20 -10.73
N GLY A 15 2.49 -30.43 -10.87
CA GLY A 15 1.52 -30.60 -11.92
C GLY A 15 0.30 -31.40 -11.52
N GLY A 16 0.36 -32.11 -10.39
CA GLY A 16 -0.72 -32.95 -9.96
C GLY A 16 -1.85 -32.17 -9.30
N SER A 17 -2.84 -32.93 -8.82
CA SER A 17 -4.04 -32.40 -8.20
C SER A 17 -4.33 -33.13 -6.91
N LEU A 18 -4.85 -32.40 -5.93
CA LEU A 18 -5.36 -32.99 -4.70
C LEU A 18 -6.68 -32.34 -4.37
N ARG A 19 -7.47 -33.00 -3.53
CA ARG A 19 -8.67 -32.41 -2.96
C ARG A 19 -8.61 -32.55 -1.45
N LEU A 20 -8.63 -31.43 -0.74
CA LEU A 20 -8.68 -31.46 0.71
C LEU A 20 -10.12 -31.39 1.17
N SER A 21 -10.43 -32.12 2.23
CA SER A 21 -11.74 -32.11 2.86
C SER A 21 -11.56 -31.69 4.30
N CYS A 22 -12.55 -30.99 4.84
CA CYS A 22 -12.56 -30.56 6.23
C CYS A 22 -13.93 -30.89 6.79
N ALA A 23 -14.03 -31.98 7.55
CA ALA A 23 -15.29 -32.35 8.17
C ALA A 23 -15.46 -31.60 9.48
N ALA A 24 -16.55 -30.83 9.59
CA ALA A 24 -16.81 -30.03 10.77
C ALA A 24 -17.80 -30.70 11.71
N SER A 25 -17.61 -30.46 13.01
CA SER A 25 -18.62 -30.78 14.02
C SER A 25 -18.61 -29.69 15.08
N GLY A 26 -19.78 -29.20 15.44
CA GLY A 26 -19.89 -28.16 16.44
C GLY A 26 -19.88 -26.75 15.89
N VAL A 27 -19.56 -26.58 14.61
CA VAL A 27 -19.81 -25.35 13.86
C VAL A 27 -20.44 -25.79 12.54
N THR A 28 -21.30 -24.95 11.99
CA THR A 28 -21.98 -25.25 10.72
C THR A 28 -21.25 -24.53 9.60
N VAL A 29 -20.61 -25.29 8.71
CA VAL A 29 -19.78 -24.70 7.65
C VAL A 29 -20.58 -23.67 6.85
N SER A 30 -21.82 -24.02 6.48
CA SER A 30 -22.60 -23.17 5.60
C SER A 30 -23.06 -21.87 6.26
N ARG A 31 -22.94 -21.75 7.58
CA ARG A 31 -23.36 -20.56 8.29
C ARG A 31 -22.18 -19.67 8.67
N ASN A 32 -20.96 -20.07 8.30
CA ASN A 32 -19.75 -19.39 8.74
C ASN A 32 -18.89 -18.92 7.58
N TYR A 33 -18.12 -17.87 7.84
CA TYR A 33 -16.87 -17.67 7.12
C TYR A 33 -15.92 -18.83 7.44
N MET A 34 -15.44 -19.51 6.41
CA MET A 34 -14.50 -20.61 6.61
C MET A 34 -13.27 -20.34 5.77
N SER A 35 -12.08 -20.42 6.38
CA SER A 35 -10.85 -20.15 5.65
C SER A 35 -9.94 -21.38 5.62
N TRP A 36 -9.08 -21.40 4.61
CA TRP A 36 -7.94 -22.31 4.54
C TRP A 36 -6.69 -21.49 4.78
N VAL A 37 -5.84 -21.95 5.70
CA VAL A 37 -4.56 -21.33 6.02
C VAL A 37 -3.49 -22.41 5.94
N ARG A 38 -2.36 -22.09 5.31
CA ARG A 38 -1.30 -23.09 5.15
C ARG A 38 0.01 -22.58 5.72
N GLN A 39 0.92 -23.53 5.96
CA GLN A 39 2.20 -23.21 6.57
C GLN A 39 3.25 -24.14 5.96
N ALA A 40 4.14 -23.55 5.15
CA ALA A 40 5.25 -24.32 4.60
C ALA A 40 6.21 -24.74 5.71
N PRO A 41 6.96 -25.83 5.53
CA PRO A 41 7.84 -26.30 6.61
C PRO A 41 8.81 -25.21 7.06
N GLY A 42 8.82 -24.96 8.37
CA GLY A 42 9.68 -23.96 8.96
C GLY A 42 9.31 -22.52 8.67
N LYS A 43 8.18 -22.25 8.02
CA LYS A 43 7.79 -20.92 7.62
C LYS A 43 6.56 -20.47 8.44
N GLY A 44 6.01 -19.30 8.10
CA GLY A 44 4.90 -18.74 8.81
C GLY A 44 3.55 -19.12 8.21
N LEU A 45 2.50 -18.53 8.76
CA LEU A 45 1.14 -18.78 8.29
C LEU A 45 0.83 -17.96 7.05
N GLU A 46 0.11 -18.58 6.10
CA GLU A 46 -0.31 -17.90 4.87
C GLU A 46 -1.78 -18.22 4.62
N TRP A 47 -2.61 -17.20 4.67
CA TRP A 47 -4.02 -17.39 4.30
C TRP A 47 -4.13 -17.75 2.82
N VAL A 48 -5.02 -18.71 2.51
CA VAL A 48 -5.18 -19.26 1.17
C VAL A 48 -6.51 -18.86 0.54
N SER A 49 -7.62 -19.05 1.25
CA SER A 49 -8.94 -18.80 0.66
C SER A 49 -9.97 -18.67 1.77
N ILE A 50 -11.13 -18.16 1.39
CA ILE A 50 -12.25 -18.03 2.32
C ILE A 50 -13.52 -18.25 1.52
N ILE A 51 -14.52 -18.85 2.17
CA ILE A 51 -15.86 -18.92 1.61
C ILE A 51 -16.84 -18.36 2.64
N TYR A 52 -17.68 -17.44 2.19
CA TYR A 52 -18.68 -16.77 3.02
C TYR A 52 -19.91 -17.65 3.16
N ALA A 53 -20.67 -17.41 4.23
CA ALA A 53 -21.94 -18.10 4.39
C ALA A 53 -22.83 -17.92 3.16
N GLY A 54 -22.86 -16.70 2.61
CA GLY A 54 -23.71 -16.45 1.46
C GLY A 54 -23.18 -16.94 0.13
N GLY A 55 -21.95 -17.47 0.10
CA GLY A 55 -21.40 -18.15 -1.06
C GLY A 55 -20.20 -17.48 -1.70
N SER A 56 -19.95 -16.21 -1.42
CA SER A 56 -18.79 -15.54 -2.01
C SER A 56 -17.49 -16.24 -1.61
N THR A 57 -16.54 -16.27 -2.54
CA THR A 57 -15.23 -16.88 -2.32
C THR A 57 -14.14 -15.88 -2.67
N PHE A 58 -13.02 -15.95 -1.94
CA PHE A 58 -11.86 -15.10 -2.21
C PHE A 58 -10.60 -15.92 -2.03
N TYR A 59 -9.54 -15.52 -2.75
CA TYR A 59 -8.31 -16.31 -2.80
C TYR A 59 -7.09 -15.42 -2.68
N ALA A 60 -6.04 -15.97 -2.08
CA ALA A 60 -4.72 -15.35 -2.13
C ALA A 60 -4.21 -15.33 -3.57
N ASP A 61 -3.50 -14.26 -3.91
CA ASP A 61 -2.94 -14.16 -5.27
C ASP A 61 -2.08 -15.37 -5.61
N SER A 62 -1.42 -15.97 -4.61
CA SER A 62 -0.51 -17.09 -4.86
C SER A 62 -1.22 -18.35 -5.34
N VAL A 63 -2.55 -18.45 -5.19
CA VAL A 63 -3.28 -19.65 -5.57
C VAL A 63 -4.42 -19.37 -6.54
N LYS A 64 -4.66 -18.12 -6.90
CA LYS A 64 -5.81 -17.80 -7.75
C LYS A 64 -5.69 -18.50 -9.10
N GLY A 65 -6.82 -19.03 -9.58
CA GLY A 65 -6.87 -19.77 -10.82
C GLY A 65 -6.56 -21.25 -10.68
N ARG A 66 -5.98 -21.67 -9.57
CA ARG A 66 -5.54 -23.04 -9.36
C ARG A 66 -6.30 -23.76 -8.25
N PHE A 67 -6.69 -23.05 -7.19
CA PHE A 67 -7.40 -23.63 -6.06
C PHE A 67 -8.85 -23.16 -6.07
N THR A 68 -9.74 -24.03 -5.62
CA THR A 68 -11.15 -23.67 -5.50
C THR A 68 -11.66 -24.16 -4.15
N VAL A 69 -12.24 -23.25 -3.37
CA VAL A 69 -12.87 -23.61 -2.10
C VAL A 69 -14.36 -23.80 -2.35
N SER A 70 -14.94 -24.80 -1.68
CA SER A 70 -16.35 -25.11 -1.84
C SER A 70 -16.80 -25.87 -0.59
N ARG A 71 -18.09 -26.21 -0.54
CA ARG A 71 -18.61 -26.90 0.63
C ARG A 71 -19.78 -27.78 0.24
N ASP A 72 -20.11 -28.72 1.12
CA ASP A 72 -21.30 -29.56 1.01
C ASP A 72 -22.07 -29.43 2.33
N ASN A 73 -23.21 -28.75 2.30
CA ASN A 73 -23.94 -28.48 3.55
C ASN A 73 -24.44 -29.77 4.17
N SER A 74 -24.92 -30.71 3.34
CA SER A 74 -25.48 -31.95 3.88
C SER A 74 -24.43 -32.78 4.60
N LYS A 75 -23.15 -32.61 4.26
CA LYS A 75 -22.05 -33.31 4.90
C LYS A 75 -21.32 -32.43 5.90
N ASN A 76 -21.74 -31.18 6.06
CA ASN A 76 -21.07 -30.19 6.90
C ASN A 76 -19.56 -30.22 6.68
N THR A 77 -19.16 -30.09 5.42
CA THR A 77 -17.77 -30.30 5.04
C THR A 77 -17.33 -29.20 4.08
N LEU A 78 -16.11 -28.71 4.31
CA LEU A 78 -15.42 -27.73 3.49
C LEU A 78 -14.40 -28.45 2.61
N TYR A 79 -14.19 -27.94 1.39
CA TYR A 79 -13.23 -28.55 0.47
C TYR A 79 -12.27 -27.52 -0.09
N LEU A 80 -11.10 -28.00 -0.51
CA LEU A 80 -10.14 -27.18 -1.25
C LEU A 80 -9.63 -28.04 -2.39
N GLN A 81 -10.05 -27.72 -3.61
CA GLN A 81 -9.61 -28.43 -4.80
C GLN A 81 -8.32 -27.75 -5.26
N MET A 82 -7.25 -28.53 -5.37
CA MET A 82 -5.91 -27.98 -5.60
C MET A 82 -5.38 -28.54 -6.92
N ASN A 83 -5.38 -27.72 -7.96
CA ASN A 83 -4.87 -28.15 -9.26
C ASN A 83 -3.55 -27.47 -9.58
N SER A 84 -2.86 -28.02 -10.58
CA SER A 84 -1.61 -27.45 -11.08
C SER A 84 -0.63 -27.16 -9.94
N LEU A 85 -0.43 -28.17 -9.11
CA LEU A 85 0.35 -28.02 -7.89
C LEU A 85 1.81 -27.71 -8.19
N ARG A 86 2.39 -26.87 -7.35
CA ARG A 86 3.77 -26.42 -7.45
C ARG A 86 4.53 -26.83 -6.20
N ALA A 87 5.85 -26.95 -6.33
CA ALA A 87 6.69 -27.25 -5.17
C ALA A 87 6.38 -26.30 -4.01
N GLU A 88 6.19 -25.02 -4.31
CA GLU A 88 5.94 -24.02 -3.27
C GLU A 88 4.54 -24.09 -2.67
N ASP A 89 3.66 -25.00 -3.12
CA ASP A 89 2.42 -25.27 -2.42
C ASP A 89 2.60 -26.28 -1.29
N THR A 90 3.81 -26.79 -1.10
CA THR A 90 4.10 -27.71 -0.01
C THR A 90 3.87 -27.02 1.32
N ALA A 91 3.04 -27.63 2.17
CA ALA A 91 2.65 -27.00 3.42
C ALA A 91 1.72 -27.94 4.17
N VAL A 92 1.53 -27.65 5.46
CA VAL A 92 0.38 -28.16 6.19
C VAL A 92 -0.79 -27.22 5.92
N TYR A 93 -1.95 -27.78 5.61
CA TYR A 93 -3.14 -27.01 5.30
C TYR A 93 -4.14 -27.13 6.44
N TYR A 94 -4.48 -26.00 7.05
CA TYR A 94 -5.46 -25.93 8.13
C TYR A 94 -6.79 -25.40 7.64
N CYS A 95 -7.86 -26.07 8.08
CA CYS A 95 -9.23 -25.60 8.00
C CYS A 95 -9.51 -24.74 9.24
N VAL A 96 -10.12 -23.57 9.05
CA VAL A 96 -10.39 -22.69 10.19
C VAL A 96 -11.78 -22.08 10.08
N ARG A 97 -12.45 -21.94 11.23
CA ARG A 97 -13.64 -21.11 11.31
C ARG A 97 -13.19 -19.68 11.57
N ASP A 98 -13.64 -18.76 10.73
CA ASP A 98 -13.15 -17.40 10.65
C ASP A 98 -14.23 -16.47 11.19
N LEU A 99 -13.95 -15.80 12.30
CA LEU A 99 -14.89 -14.84 12.88
C LEU A 99 -14.51 -13.41 12.56
N GLN A 100 -13.64 -13.21 11.56
CA GLN A 100 -13.30 -11.87 11.07
C GLN A 100 -12.77 -11.00 12.19
N ASP A 101 -13.57 -10.02 12.65
CA ASP A 101 -13.13 -9.13 13.71
C ASP A 101 -12.73 -9.89 14.97
N TYR A 102 -13.29 -11.07 15.20
CA TYR A 102 -12.99 -11.82 16.42
C TYR A 102 -11.94 -12.91 16.19
N GLY A 103 -11.20 -12.85 15.09
CA GLY A 103 -10.08 -13.77 14.85
C GLY A 103 -10.53 -15.12 14.31
N MET A 104 -9.53 -15.99 14.07
CA MET A 104 -9.82 -17.38 13.66
C MET A 104 -9.79 -18.23 14.92
N ASP A 105 -10.96 -18.63 15.41
CA ASP A 105 -11.01 -19.23 16.74
C ASP A 105 -10.95 -20.75 16.74
N VAL A 106 -11.38 -21.42 15.66
CA VAL A 106 -11.38 -22.87 15.59
C VAL A 106 -10.46 -23.31 14.46
N TRP A 107 -9.51 -24.21 14.79
CA TRP A 107 -8.52 -24.69 13.84
C TRP A 107 -8.54 -26.21 13.84
N GLY A 108 -8.44 -26.81 12.66
CA GLY A 108 -8.20 -28.23 12.57
C GLY A 108 -6.76 -28.56 12.89
N GLN A 109 -6.44 -29.85 12.84
CA GLN A 109 -5.10 -30.34 13.12
C GLN A 109 -4.19 -30.26 11.90
N GLY A 110 -4.74 -30.07 10.72
CA GLY A 110 -4.00 -29.88 9.50
C GLY A 110 -3.85 -31.17 8.70
N THR A 111 -3.70 -31.02 7.38
CA THR A 111 -3.31 -32.15 6.54
C THR A 111 -2.10 -31.73 5.73
N THR A 112 -1.14 -32.65 5.61
CA THR A 112 0.16 -32.34 5.02
C THR A 112 0.13 -32.58 3.51
N VAL A 113 0.55 -31.57 2.75
CA VAL A 113 0.71 -31.64 1.30
C VAL A 113 2.19 -31.44 0.98
N THR A 114 2.78 -32.39 0.28
CA THR A 114 4.18 -32.29 -0.14
C THR A 114 4.25 -32.44 -1.65
N VAL A 115 4.69 -31.39 -2.34
CA VAL A 115 4.85 -31.39 -3.80
C VAL A 115 6.34 -31.37 -4.09
N SER A 116 6.85 -32.47 -4.65
CA SER A 116 8.29 -32.59 -4.84
C SER A 116 8.60 -33.42 -6.08
N SER A 117 9.54 -32.94 -6.88
CA SER A 117 10.05 -33.70 -8.03
C SER A 117 10.88 -34.88 -7.57
N GLN A 139 1.33 -4.86 5.36
CA GLN A 139 2.36 -5.72 5.89
C GLN A 139 2.49 -5.56 7.41
N LEU A 140 2.91 -6.63 8.06
CA LEU A 140 3.02 -6.73 9.50
C LEU A 140 4.39 -7.29 9.82
N THR A 141 5.15 -6.61 10.67
CA THR A 141 6.50 -7.05 11.00
C THR A 141 6.61 -7.28 12.50
N GLN A 142 6.99 -8.50 12.89
CA GLN A 142 7.14 -8.86 14.30
C GLN A 142 8.59 -8.74 14.73
N SER A 143 8.80 -8.32 15.97
CA SER A 143 10.13 -8.17 16.54
C SER A 143 10.12 -8.67 17.98
N PRO A 144 11.13 -9.44 18.40
CA PRO A 144 12.20 -9.98 17.55
C PRO A 144 11.68 -11.18 16.77
N SER A 145 12.51 -11.77 15.90
CA SER A 145 12.09 -13.01 15.26
C SER A 145 12.31 -14.21 16.17
N PHE A 146 13.29 -14.13 17.06
CA PHE A 146 13.64 -15.20 17.99
C PHE A 146 13.92 -14.59 19.36
N LEU A 147 13.46 -15.28 20.40
CA LEU A 147 13.62 -14.79 21.75
C LEU A 147 13.93 -15.96 22.67
N SER A 148 14.95 -15.82 23.51
CA SER A 148 15.29 -16.82 24.51
C SER A 148 14.91 -16.30 25.88
N ALA A 149 14.27 -17.13 26.69
CA ALA A 149 13.73 -16.70 27.97
C ALA A 149 13.69 -17.90 28.92
N SER A 150 13.41 -17.61 30.19
CA SER A 150 13.34 -18.63 31.22
C SER A 150 11.95 -18.63 31.85
N VAL A 151 11.59 -19.78 32.42
CA VAL A 151 10.35 -19.89 33.19
C VAL A 151 10.30 -18.79 34.23
N GLY A 152 9.15 -18.09 34.30
CA GLY A 152 8.99 -17.00 35.23
C GLY A 152 9.36 -15.64 34.66
N ASP A 153 9.99 -15.59 33.49
CA ASP A 153 10.30 -14.33 32.84
C ASP A 153 9.02 -13.63 32.39
N ARG A 154 9.05 -12.31 32.42
CA ARG A 154 8.06 -11.51 31.72
C ARG A 154 8.54 -11.31 30.29
N VAL A 155 7.72 -11.68 29.33
CA VAL A 155 8.10 -11.71 27.92
C VAL A 155 7.16 -10.79 27.15
N THR A 156 7.73 -9.93 26.31
CA THR A 156 6.93 -9.07 25.43
C THR A 156 7.40 -9.22 23.99
N ILE A 157 6.45 -9.32 23.06
CA ILE A 157 6.71 -9.42 21.63
C ILE A 157 5.95 -8.29 20.95
N THR A 158 6.58 -7.68 19.94
CA THR A 158 6.02 -6.50 19.29
C THR A 158 5.65 -6.83 17.85
N CYS A 159 4.55 -6.25 17.40
CA CYS A 159 4.06 -6.39 16.05
C CYS A 159 3.78 -4.98 15.52
N ARG A 160 4.37 -4.64 14.37
CA ARG A 160 4.24 -3.30 13.81
C ARG A 160 3.57 -3.34 12.45
N ALA A 161 2.54 -2.52 12.27
CA ALA A 161 1.79 -2.47 11.02
C ALA A 161 2.33 -1.37 10.12
N SER A 162 2.10 -1.52 8.82
CA SER A 162 2.56 -0.55 7.84
C SER A 162 1.61 0.64 7.67
N GLN A 163 0.46 0.62 8.34
CA GLN A 163 -0.46 1.74 8.35
C GLN A 163 -1.26 1.64 9.64
N GLY A 164 -1.96 2.72 9.99
CA GLY A 164 -2.86 2.64 11.13
C GLY A 164 -3.97 1.63 10.94
N ILE A 165 -4.09 0.68 11.86
CA ILE A 165 -5.12 -0.34 11.75
C ILE A 165 -6.01 -0.37 13.00
N SER A 166 -6.02 0.70 13.77
CA SER A 166 -6.91 0.82 14.93
C SER A 166 -6.64 -0.37 15.83
N SER A 167 -7.64 -1.17 16.21
CA SER A 167 -7.46 -2.33 17.08
C SER A 167 -7.62 -3.63 16.31
N TYR A 168 -7.45 -3.59 15.00
CA TYR A 168 -7.73 -4.75 14.14
C TYR A 168 -6.53 -5.70 14.12
N LEU A 169 -6.29 -6.34 15.26
CA LEU A 169 -5.15 -7.25 15.40
C LEU A 169 -5.53 -8.45 16.25
N ALA A 170 -5.03 -9.62 15.87
CA ALA A 170 -5.15 -10.82 16.68
C ALA A 170 -3.78 -11.41 16.93
N TRP A 171 -3.67 -12.19 18.01
CA TRP A 171 -2.46 -12.91 18.36
C TRP A 171 -2.76 -14.39 18.47
N TYR A 172 -1.82 -15.21 17.99
CA TYR A 172 -1.92 -16.67 18.02
C TYR A 172 -0.67 -17.28 18.64
N GLN A 173 -0.86 -18.42 19.31
CA GLN A 173 0.22 -19.26 19.82
C GLN A 173 0.25 -20.55 19.03
N GLN A 174 1.45 -21.01 18.64
CA GLN A 174 1.56 -22.27 17.93
C GLN A 174 2.67 -23.08 18.57
N LYS A 175 2.29 -24.11 19.27
CA LYS A 175 3.23 -25.00 19.90
C LYS A 175 3.85 -25.93 18.85
N PRO A 176 5.06 -26.43 19.07
CA PRO A 176 5.69 -27.28 18.06
C PRO A 176 4.84 -28.50 17.74
N GLY A 177 4.53 -28.68 16.46
CA GLY A 177 3.75 -29.79 15.98
C GLY A 177 2.25 -29.61 16.00
N LYS A 178 1.75 -28.49 16.53
CA LYS A 178 0.33 -28.28 16.73
C LYS A 178 -0.19 -27.14 15.85
N ALA A 179 -1.53 -27.08 15.74
CA ALA A 179 -2.17 -25.97 15.06
C ALA A 179 -2.05 -24.71 15.90
N PRO A 180 -2.09 -23.54 15.27
CA PRO A 180 -2.17 -22.29 16.04
C PRO A 180 -3.44 -22.22 16.86
N LYS A 181 -3.37 -21.42 17.92
CA LYS A 181 -4.48 -21.21 18.83
C LYS A 181 -4.67 -19.72 19.03
N LEU A 182 -5.91 -19.26 18.94
CA LEU A 182 -6.21 -17.85 19.11
C LEU A 182 -6.04 -17.44 20.57
N LEU A 183 -5.24 -16.39 20.82
CA LEU A 183 -5.07 -15.85 22.16
C LEU A 183 -5.86 -14.58 22.41
N ILE A 184 -5.81 -13.65 21.46
CA ILE A 184 -6.29 -12.28 21.65
C ILE A 184 -6.86 -11.81 20.32
N TYR A 185 -7.99 -11.10 20.37
CA TYR A 185 -8.50 -10.43 19.19
C TYR A 185 -8.81 -8.99 19.57
N ALA A 186 -9.05 -8.15 18.56
CA ALA A 186 -9.29 -6.72 18.77
C ALA A 186 -8.16 -6.07 19.59
N ALA A 187 -6.92 -6.55 19.36
CA ALA A 187 -5.68 -6.05 19.96
C ALA A 187 -5.51 -6.37 21.44
N SER A 188 -6.61 -6.32 22.22
CA SER A 188 -6.48 -6.48 23.66
C SER A 188 -7.52 -7.37 24.32
N THR A 189 -8.44 -7.98 23.56
CA THR A 189 -9.48 -8.80 24.17
C THR A 189 -9.00 -10.23 24.29
N LEU A 190 -8.95 -10.73 25.53
CA LEU A 190 -8.53 -12.11 25.77
C LEU A 190 -9.59 -13.09 25.29
N GLN A 191 -9.17 -14.05 24.45
CA GLN A 191 -10.07 -15.10 24.00
C GLN A 191 -10.52 -15.95 25.18
N SER A 192 -11.79 -16.37 25.16
CA SER A 192 -12.33 -17.13 26.28
C SER A 192 -11.53 -18.41 26.48
N GLY A 193 -11.21 -18.71 27.73
CA GLY A 193 -10.47 -19.90 28.08
C GLY A 193 -8.96 -19.75 28.08
N VAL A 194 -8.44 -18.62 27.62
CA VAL A 194 -7.00 -18.41 27.51
C VAL A 194 -6.49 -17.89 28.85
N PRO A 195 -5.34 -18.38 29.34
CA PRO A 195 -4.84 -17.94 30.65
C PRO A 195 -4.66 -16.42 30.71
N SER A 196 -4.91 -15.89 31.91
CA SER A 196 -4.87 -14.44 32.13
C SER A 196 -3.47 -13.86 32.05
N ARG A 197 -2.42 -14.68 32.10
CA ARG A 197 -1.06 -14.15 31.96
C ARG A 197 -0.76 -13.65 30.55
N PHE A 198 -1.62 -13.91 29.57
CA PHE A 198 -1.48 -13.33 28.23
C PHE A 198 -2.27 -12.03 28.17
N SER A 199 -1.64 -10.97 27.69
CA SER A 199 -2.35 -9.71 27.44
C SER A 199 -1.79 -9.06 26.19
N GLY A 200 -2.65 -8.29 25.51
CA GLY A 200 -2.26 -7.57 24.32
C GLY A 200 -2.57 -6.10 24.51
N ARG A 201 -1.74 -5.25 23.92
CA ARG A 201 -1.97 -3.81 23.99
C ARG A 201 -1.59 -3.17 22.67
N GLY A 202 -2.04 -1.93 22.49
CA GLY A 202 -1.71 -1.19 21.29
C GLY A 202 -2.92 -0.82 20.46
N SER A 203 -2.81 0.28 19.73
CA SER A 203 -3.81 0.75 18.78
C SER A 203 -3.07 1.59 17.77
N GLY A 204 -3.39 1.42 16.48
CA GLY A 204 -2.71 2.20 15.48
C GLY A 204 -1.70 1.35 14.73
N THR A 205 -0.41 1.51 15.03
CA THR A 205 0.61 0.79 14.28
C THR A 205 1.47 -0.14 15.13
N GLU A 206 1.56 0.06 16.44
CA GLU A 206 2.47 -0.73 17.27
C GLU A 206 1.68 -1.51 18.32
N PHE A 207 1.86 -2.82 18.33
CA PHE A 207 1.11 -3.73 19.18
C PHE A 207 2.07 -4.65 19.91
N THR A 208 1.76 -5.00 21.14
CA THR A 208 2.61 -5.91 21.89
C THR A 208 1.80 -6.98 22.59
N LEU A 209 2.34 -8.21 22.58
CA LEU A 209 1.84 -9.31 23.39
C LEU A 209 2.77 -9.47 24.57
N THR A 210 2.21 -9.55 25.77
CA THR A 210 2.99 -9.76 26.99
C THR A 210 2.54 -11.04 27.66
N ILE A 211 3.50 -11.86 28.08
CA ILE A 211 3.24 -13.01 28.94
C ILE A 211 3.83 -12.65 30.29
N SER A 212 2.97 -12.52 31.31
CA SER A 212 3.40 -11.88 32.56
C SER A 212 4.41 -12.74 33.32
N SER A 213 4.28 -14.07 33.23
CA SER A 213 5.19 -14.99 33.91
C SER A 213 5.26 -16.24 33.04
N LEU A 214 6.33 -16.34 32.25
CA LEU A 214 6.41 -17.39 31.25
C LEU A 214 6.47 -18.76 31.91
N GLN A 215 5.64 -19.67 31.44
CA GLN A 215 5.53 -21.03 31.95
C GLN A 215 6.07 -22.02 30.93
N PRO A 216 6.46 -23.23 31.37
CA PRO A 216 7.09 -24.19 30.43
C PRO A 216 6.28 -24.46 29.18
N GLU A 217 4.95 -24.54 29.30
CA GLU A 217 4.08 -24.75 28.15
C GLU A 217 4.05 -23.55 27.21
N ASP A 218 4.57 -22.40 27.63
CA ASP A 218 4.49 -21.18 26.83
C ASP A 218 5.61 -21.06 25.79
N PHE A 219 6.59 -21.96 25.79
CA PHE A 219 7.62 -21.90 24.76
C PHE A 219 7.03 -22.35 23.42
N ALA A 220 6.87 -21.41 22.49
CA ALA A 220 6.15 -21.65 21.25
C ALA A 220 6.48 -20.51 20.29
N THR A 221 5.83 -20.52 19.14
CA THR A 221 5.94 -19.43 18.17
C THR A 221 4.65 -18.64 18.20
N TYR A 222 4.75 -17.31 18.27
CA TYR A 222 3.59 -16.44 18.36
C TYR A 222 3.45 -15.65 17.06
N TYR A 223 2.23 -15.55 16.54
CA TYR A 223 1.93 -14.81 15.31
C TYR A 223 0.93 -13.70 15.59
N CYS A 224 1.13 -12.54 14.99
CA CYS A 224 0.07 -11.54 14.94
C CYS A 224 -0.62 -11.59 13.58
N GLN A 225 -1.85 -11.10 13.54
CA GLN A 225 -2.66 -11.13 12.32
C GLN A 225 -3.39 -9.80 12.22
N GLN A 226 -3.36 -9.19 11.04
CA GLN A 226 -4.09 -7.95 10.80
C GLN A 226 -5.50 -8.30 10.35
N LEU A 227 -6.49 -7.92 11.16
CA LEU A 227 -7.86 -8.31 10.92
C LEU A 227 -8.48 -7.45 9.83
N ASN A 228 -9.33 -8.09 9.02
CA ASN A 228 -10.07 -7.40 7.96
C ASN A 228 -9.12 -6.63 7.04
N SER A 229 -7.99 -7.26 6.70
CA SER A 229 -6.95 -6.60 5.94
C SER A 229 -7.20 -6.69 4.43
N TYR A 230 -6.48 -5.84 3.70
CA TYR A 230 -6.42 -5.87 2.23
C TYR A 230 -4.96 -5.86 1.79
N PRO A 231 -4.44 -6.95 1.20
CA PRO A 231 -5.14 -8.22 0.90
C PRO A 231 -5.53 -8.97 2.17
N PRO A 232 -6.46 -9.92 2.07
CA PRO A 232 -6.93 -10.61 3.27
C PRO A 232 -5.86 -11.48 3.92
N GLY A 233 -6.01 -11.68 5.23
CA GLY A 233 -5.24 -12.68 5.93
C GLY A 233 -3.79 -12.36 6.16
N THR A 234 -3.46 -11.09 6.42
CA THR A 234 -2.07 -10.71 6.61
C THR A 234 -1.58 -11.16 7.99
N PHE A 235 -0.53 -11.98 8.00
CA PHE A 235 0.12 -12.42 9.23
C PHE A 235 1.52 -11.85 9.35
N GLY A 236 1.94 -11.60 10.59
CA GLY A 236 3.35 -11.39 10.86
C GLY A 236 4.12 -12.68 10.67
N GLN A 237 5.46 -12.56 10.64
CA GLN A 237 6.30 -13.69 10.27
C GLN A 237 6.55 -14.65 11.42
N GLY A 238 6.14 -14.29 12.63
CA GLY A 238 6.24 -15.14 13.81
C GLY A 238 7.44 -14.77 14.67
N THR A 239 7.28 -14.95 15.98
CA THR A 239 8.36 -14.82 16.94
C THR A 239 8.47 -16.14 17.69
N LYS A 240 9.65 -16.76 17.63
CA LYS A 240 9.85 -18.05 18.29
C LYS A 240 10.45 -17.81 19.67
N VAL A 241 9.74 -18.25 20.71
CA VAL A 241 10.20 -18.10 22.09
C VAL A 241 10.76 -19.42 22.53
N GLU A 242 12.05 -19.45 22.87
CA GLU A 242 12.75 -20.69 23.17
C GLU A 242 13.47 -20.60 24.51
N ILE A 243 13.92 -21.75 24.98
CA ILE A 243 14.44 -21.90 26.33
C ILE A 243 15.85 -21.32 26.43
N LYS A 244 16.17 -20.86 27.64
CA LYS A 244 17.50 -20.35 28.02
C LYS A 244 17.98 -19.22 27.11
N ASN B 1 -37.84 25.21 -7.65
CA ASN B 1 -36.73 25.26 -6.69
C ASN B 1 -35.69 24.20 -6.99
N LEU B 2 -34.47 24.41 -6.48
CA LEU B 2 -33.39 23.46 -6.67
C LEU B 2 -33.59 22.25 -5.77
N CYS B 3 -33.17 21.09 -6.27
CA CYS B 3 -33.33 19.87 -5.50
C CYS B 3 -32.50 19.96 -4.22
N PRO B 4 -32.99 19.42 -3.11
CA PRO B 4 -32.30 19.53 -1.81
C PRO B 4 -31.17 18.52 -1.65
N PHE B 5 -30.21 18.55 -2.59
CA PHE B 5 -29.05 17.67 -2.48
C PHE B 5 -28.24 17.97 -1.24
N GLY B 6 -28.24 19.24 -0.78
CA GLY B 6 -27.43 19.61 0.37
C GLY B 6 -27.85 18.87 1.63
N GLU B 7 -29.15 18.61 1.79
CA GLU B 7 -29.65 17.82 2.92
C GLU B 7 -29.02 16.44 2.98
N VAL B 8 -28.69 15.87 1.82
CA VAL B 8 -28.12 14.53 1.76
C VAL B 8 -26.60 14.64 1.92
N PHE B 9 -25.97 15.42 1.05
CA PHE B 9 -24.51 15.43 0.99
C PHE B 9 -23.89 16.09 2.22
N ASN B 10 -24.57 17.06 2.82
CA ASN B 10 -23.99 17.81 3.93
C ASN B 10 -24.65 17.48 5.28
N ALA B 11 -25.32 16.33 5.38
CA ALA B 11 -25.87 15.91 6.66
C ALA B 11 -24.76 15.80 7.70
N THR B 12 -25.08 16.21 8.93
CA THR B 12 -24.12 16.16 10.02
C THR B 12 -23.59 14.75 10.26
N ARG B 13 -24.48 13.77 10.31
CA ARG B 13 -24.11 12.37 10.40
C ARG B 13 -24.76 11.60 9.27
N PHE B 14 -24.11 10.52 8.85
CA PHE B 14 -24.66 9.62 7.86
C PHE B 14 -25.18 8.35 8.55
N ALA B 15 -25.96 7.58 7.81
CA ALA B 15 -26.47 6.31 8.34
C ALA B 15 -25.37 5.25 8.36
N SER B 16 -25.53 4.28 9.26
CA SER B 16 -24.75 3.05 9.14
C SER B 16 -25.19 2.30 7.88
N VAL B 17 -24.21 1.64 7.25
CA VAL B 17 -24.49 1.01 5.95
C VAL B 17 -25.54 -0.08 6.05
N TYR B 18 -25.61 -0.83 7.16
CA TYR B 18 -26.63 -1.87 7.25
C TYR B 18 -28.02 -1.25 7.28
N ALA B 19 -28.14 -0.03 7.78
CA ALA B 19 -29.40 0.70 7.88
C ALA B 19 -29.41 1.88 6.93
N TRP B 20 -28.91 1.66 5.72
CA TRP B 20 -28.66 2.75 4.78
C TRP B 20 -29.91 3.58 4.55
N ASN B 21 -29.73 4.89 4.42
CA ASN B 21 -30.84 5.81 4.27
C ASN B 21 -31.17 6.01 2.79
N ARG B 22 -32.47 6.12 2.49
CA ARG B 22 -32.93 6.48 1.15
C ARG B 22 -33.77 7.75 1.25
N LYS B 23 -33.42 8.74 0.44
CA LYS B 23 -34.14 10.00 0.36
C LYS B 23 -34.73 10.12 -1.04
N ARG B 24 -36.04 10.29 -1.12
CA ARG B 24 -36.67 10.55 -2.42
C ARG B 24 -36.55 12.03 -2.77
N ILE B 25 -36.11 12.31 -3.98
CA ILE B 25 -35.97 13.67 -4.49
C ILE B 25 -36.98 13.85 -5.60
N SER B 26 -37.82 14.88 -5.50
CA SER B 26 -38.91 15.03 -6.45
C SER B 26 -39.34 16.49 -6.51
N ASN B 27 -39.98 16.85 -7.63
CA ASN B 27 -40.54 18.19 -7.84
C ASN B 27 -39.49 19.29 -7.63
N CYS B 28 -38.40 19.20 -8.38
CA CYS B 28 -37.31 20.16 -8.21
C CYS B 28 -36.39 20.10 -9.42
N VAL B 29 -35.54 21.13 -9.53
CA VAL B 29 -34.55 21.24 -10.60
C VAL B 29 -33.22 20.72 -10.09
N ALA B 30 -32.67 19.71 -10.78
CA ALA B 30 -31.41 19.08 -10.39
C ALA B 30 -30.29 19.55 -11.31
N ASP B 31 -29.26 20.18 -10.74
CA ASP B 31 -28.07 20.53 -11.52
C ASP B 31 -26.99 19.54 -11.13
N TYR B 32 -26.92 18.43 -11.87
CA TYR B 32 -25.96 17.38 -11.55
C TYR B 32 -24.52 17.82 -11.81
N SER B 33 -24.30 18.73 -12.76
CA SER B 33 -22.95 19.17 -13.08
C SER B 33 -22.26 19.78 -11.88
N VAL B 34 -23.02 20.44 -11.00
CA VAL B 34 -22.43 21.02 -9.80
C VAL B 34 -21.86 19.94 -8.90
N LEU B 35 -22.48 18.76 -8.89
CA LEU B 35 -21.91 17.62 -8.18
C LEU B 35 -20.71 17.06 -8.94
N TYR B 36 -20.89 16.77 -10.24
CA TYR B 36 -19.84 16.14 -11.04
C TYR B 36 -18.59 17.01 -11.16
N ASN B 37 -18.74 18.32 -11.14
CA ASN B 37 -17.59 19.21 -11.28
C ASN B 37 -16.87 19.47 -9.97
N SER B 38 -17.35 18.91 -8.87
CA SER B 38 -16.80 19.21 -7.54
C SER B 38 -15.48 18.50 -7.31
N ALA B 39 -14.53 19.23 -6.74
CA ALA B 39 -13.27 18.63 -6.30
C ALA B 39 -13.42 17.81 -5.02
N SER B 40 -14.61 17.75 -4.44
CA SER B 40 -14.80 17.06 -3.16
C SER B 40 -14.85 15.54 -3.26
N PHE B 41 -15.23 14.99 -4.41
CA PHE B 41 -15.59 13.58 -4.51
C PHE B 41 -14.43 12.80 -5.12
N SER B 42 -13.92 11.83 -4.37
CA SER B 42 -12.87 10.98 -4.90
C SER B 42 -13.41 9.85 -5.78
N THR B 43 -14.69 9.51 -5.64
CA THR B 43 -15.37 8.58 -6.52
C THR B 43 -16.58 9.29 -7.08
N PHE B 44 -16.73 9.27 -8.41
CA PHE B 44 -17.95 9.74 -9.06
C PHE B 44 -18.09 8.88 -10.31
N LYS B 45 -18.77 7.75 -10.17
CA LYS B 45 -18.82 6.73 -11.21
C LYS B 45 -20.29 6.48 -11.55
N CYS B 46 -20.66 6.73 -12.80
CA CYS B 46 -22.01 6.42 -13.22
C CYS B 46 -22.03 5.15 -14.06
N TYR B 47 -23.15 4.44 -13.98
CA TYR B 47 -23.38 3.20 -14.70
C TYR B 47 -24.68 3.35 -15.44
N GLY B 48 -24.72 2.86 -16.68
CA GLY B 48 -25.93 2.95 -17.47
C GLY B 48 -26.31 4.35 -17.92
N VAL B 49 -25.46 5.34 -17.64
CA VAL B 49 -25.72 6.74 -17.97
C VAL B 49 -24.39 7.47 -17.87
N SER B 50 -24.24 8.54 -18.65
CA SER B 50 -23.01 9.32 -18.52
C SER B 50 -23.26 10.56 -17.68
N PRO B 51 -22.31 10.95 -16.82
CA PRO B 51 -22.56 12.10 -15.94
C PRO B 51 -22.87 13.38 -16.70
N THR B 52 -22.23 13.60 -17.84
CA THR B 52 -22.44 14.85 -18.58
C THR B 52 -23.78 14.89 -19.31
N LYS B 53 -24.53 13.80 -19.32
CA LYS B 53 -25.85 13.78 -19.96
C LYS B 53 -26.99 13.95 -18.97
N LEU B 54 -26.70 13.89 -17.67
CA LEU B 54 -27.76 13.90 -16.66
C LEU B 54 -28.58 15.18 -16.71
N ASN B 55 -27.94 16.33 -16.92
CA ASN B 55 -28.68 17.60 -16.94
C ASN B 55 -29.68 17.67 -18.07
N ASP B 56 -29.60 16.78 -19.06
CA ASP B 56 -30.51 16.78 -20.19
C ASP B 56 -31.69 15.83 -20.03
N LEU B 57 -31.76 15.09 -18.93
CA LEU B 57 -32.75 14.06 -18.71
C LEU B 57 -33.78 14.50 -17.68
N CYS B 58 -35.01 14.01 -17.84
CA CYS B 58 -36.07 14.22 -16.87
C CYS B 58 -36.51 12.88 -16.30
N PHE B 59 -36.73 12.82 -14.99
CA PHE B 59 -37.12 11.59 -14.32
C PHE B 59 -38.39 11.80 -13.51
N THR B 60 -39.08 10.69 -13.25
CA THR B 60 -40.26 10.72 -12.38
C THR B 60 -39.87 11.08 -10.97
N ASN B 61 -38.86 10.39 -10.44
CA ASN B 61 -38.26 10.67 -9.14
C ASN B 61 -36.77 10.36 -9.24
N VAL B 62 -36.01 10.94 -8.33
CA VAL B 62 -34.61 10.61 -8.12
C VAL B 62 -34.48 10.14 -6.68
N TYR B 63 -33.51 9.26 -6.41
CA TYR B 63 -33.33 8.71 -5.08
C TYR B 63 -31.86 8.81 -4.70
N ALA B 64 -31.60 9.16 -3.44
CA ALA B 64 -30.24 9.24 -2.93
C ALA B 64 -30.13 8.30 -1.75
N ASP B 65 -29.32 7.25 -1.90
CA ASP B 65 -29.02 6.33 -0.79
C ASP B 65 -27.70 6.74 -0.17
N SER B 66 -27.62 6.80 1.15
CA SER B 66 -26.39 7.28 1.75
C SER B 66 -26.03 6.51 3.01
N PHE B 67 -24.72 6.42 3.27
CA PHE B 67 -24.18 5.62 4.37
C PHE B 67 -22.67 5.83 4.40
N VAL B 68 -22.04 5.25 5.43
CA VAL B 68 -20.59 5.28 5.60
C VAL B 68 -20.06 3.86 5.57
N ILE B 69 -18.91 3.65 4.92
CA ILE B 69 -18.16 2.40 4.93
C ILE B 69 -16.67 2.74 5.00
N ARG B 70 -15.83 1.69 5.07
CA ARG B 70 -14.38 1.84 4.99
C ARG B 70 -13.93 2.19 3.57
N GLY B 71 -12.80 2.89 3.48
CA GLY B 71 -12.21 3.19 2.18
C GLY B 71 -12.03 1.95 1.32
N ASP B 72 -11.52 0.87 1.90
CA ASP B 72 -11.26 -0.36 1.15
C ASP B 72 -12.52 -1.01 0.61
N GLU B 73 -13.70 -0.60 1.11
CA GLU B 73 -14.97 -1.19 0.69
C GLU B 73 -15.72 -0.37 -0.35
N VAL B 74 -15.23 0.82 -0.70
CA VAL B 74 -15.96 1.64 -1.66
C VAL B 74 -16.07 0.91 -3.00
N ARG B 75 -15.06 0.11 -3.34
CA ARG B 75 -15.09 -0.66 -4.59
C ARG B 75 -16.25 -1.66 -4.64
N GLN B 76 -16.84 -2.00 -3.49
CA GLN B 76 -17.97 -2.90 -3.45
C GLN B 76 -19.28 -2.22 -3.83
N ILE B 77 -19.32 -0.89 -3.84
CA ILE B 77 -20.54 -0.17 -4.21
C ILE B 77 -20.50 0.01 -5.72
N ALA B 78 -20.71 -1.09 -6.43
CA ALA B 78 -20.67 -1.11 -7.88
C ALA B 78 -21.38 -2.37 -8.36
N PRO B 79 -21.90 -2.39 -9.57
CA PRO B 79 -22.52 -3.63 -10.08
C PRO B 79 -21.52 -4.78 -10.08
N GLY B 80 -22.01 -5.96 -9.70
CA GLY B 80 -21.27 -7.19 -9.88
C GLY B 80 -20.20 -7.47 -8.84
N GLN B 81 -20.23 -6.79 -7.71
CA GLN B 81 -19.20 -6.96 -6.69
C GLN B 81 -19.65 -7.92 -5.60
N THR B 82 -18.66 -8.42 -4.85
CA THR B 82 -18.91 -9.30 -3.72
C THR B 82 -18.06 -8.83 -2.55
N GLY B 83 -18.36 -9.34 -1.36
CA GLY B 83 -17.73 -8.94 -0.12
C GLY B 83 -18.77 -8.67 0.95
N LYS B 84 -18.29 -8.35 2.14
CA LYS B 84 -19.22 -8.17 3.26
C LYS B 84 -20.24 -7.06 3.00
N ILE B 85 -19.83 -5.98 2.33
CA ILE B 85 -20.77 -4.88 2.12
C ILE B 85 -21.76 -5.22 1.00
N ALA B 86 -21.25 -5.61 -0.18
CA ALA B 86 -22.17 -5.98 -1.26
C ALA B 86 -23.07 -7.15 -0.87
N ASP B 87 -22.53 -8.13 -0.14
CA ASP B 87 -23.30 -9.34 0.14
C ASP B 87 -24.31 -9.14 1.27
N TYR B 88 -23.92 -8.44 2.33
CA TYR B 88 -24.72 -8.43 3.55
C TYR B 88 -25.25 -7.06 3.94
N ASN B 89 -24.93 -5.99 3.21
CA ASN B 89 -25.26 -4.64 3.66
C ASN B 89 -25.94 -3.77 2.62
N TYR B 90 -25.31 -3.57 1.46
CA TYR B 90 -25.88 -2.73 0.41
C TYR B 90 -25.51 -3.31 -0.95
N LYS B 91 -26.51 -3.75 -1.71
CA LYS B 91 -26.31 -4.49 -2.96
C LYS B 91 -26.86 -3.70 -4.15
N LEU B 92 -25.98 -3.34 -5.10
CA LEU B 92 -26.42 -2.83 -6.38
C LEU B 92 -26.75 -3.97 -7.35
N PRO B 93 -27.67 -3.76 -8.29
CA PRO B 93 -27.92 -4.79 -9.31
C PRO B 93 -26.78 -4.91 -10.31
N ASP B 94 -26.70 -6.09 -10.96
CA ASP B 94 -25.65 -6.36 -11.94
C ASP B 94 -25.66 -5.36 -13.09
N ASP B 95 -26.84 -4.92 -13.51
CA ASP B 95 -27.00 -3.95 -14.59
C ASP B 95 -27.70 -2.76 -13.98
N PHE B 96 -26.90 -1.80 -13.54
CA PHE B 96 -27.37 -0.70 -12.73
C PHE B 96 -27.35 0.56 -13.57
N THR B 97 -28.38 1.39 -13.42
CA THR B 97 -28.37 2.75 -13.96
C THR B 97 -28.38 3.71 -12.77
N GLY B 98 -27.28 4.43 -12.59
CA GLY B 98 -27.19 5.37 -11.50
C GLY B 98 -25.73 5.74 -11.29
N CYS B 99 -25.50 6.53 -10.25
CA CYS B 99 -24.15 7.04 -10.00
C CYS B 99 -23.77 6.77 -8.55
N VAL B 100 -22.50 6.45 -8.34
CA VAL B 100 -21.93 6.20 -7.02
C VAL B 100 -20.94 7.31 -6.74
N ILE B 101 -21.14 8.03 -5.64
CA ILE B 101 -20.35 9.20 -5.27
C ILE B 101 -19.80 8.94 -3.87
N ALA B 102 -18.49 9.15 -3.68
CA ALA B 102 -17.90 8.90 -2.38
C ALA B 102 -16.80 9.91 -2.07
N TRP B 103 -16.58 10.14 -0.78
CA TRP B 103 -15.54 11.05 -0.37
C TRP B 103 -15.06 10.64 1.01
N ASN B 104 -13.77 10.86 1.24
CA ASN B 104 -13.17 10.57 2.54
C ASN B 104 -13.78 11.47 3.61
N SER B 105 -14.23 10.86 4.71
CA SER B 105 -14.87 11.64 5.77
C SER B 105 -14.12 11.49 7.10
N ASN B 106 -12.82 11.20 7.02
CA ASN B 106 -12.03 11.02 8.23
C ASN B 106 -12.15 12.23 9.16
N ASN B 107 -12.25 13.44 8.60
CA ASN B 107 -12.29 14.64 9.44
C ASN B 107 -13.59 14.74 10.23
N LEU B 108 -14.66 14.10 9.75
CA LEU B 108 -15.98 14.15 10.39
C LEU B 108 -16.30 12.92 11.22
N ASP B 109 -15.87 11.74 10.76
CA ASP B 109 -16.42 10.48 11.25
C ASP B 109 -15.44 9.64 12.03
N SER B 110 -14.20 10.09 12.21
CA SER B 110 -13.31 9.39 13.13
C SER B 110 -13.19 10.21 14.41
N LYS B 111 -12.77 9.53 15.48
CA LYS B 111 -12.64 10.12 16.80
C LYS B 111 -11.36 9.58 17.41
N VAL B 112 -10.67 10.41 18.20
CA VAL B 112 -9.49 9.90 18.91
C VAL B 112 -9.92 8.79 19.86
N GLY B 113 -9.25 7.65 19.79
CA GLY B 113 -9.67 6.48 20.52
C GLY B 113 -10.78 5.69 19.87
N GLY B 114 -11.39 6.21 18.82
CA GLY B 114 -12.34 5.45 18.03
C GLY B 114 -13.75 6.02 18.04
N ASN B 115 -14.31 6.16 16.85
CA ASN B 115 -15.74 6.34 16.67
C ASN B 115 -16.34 4.97 16.37
N TYR B 116 -17.23 4.51 17.24
CA TYR B 116 -17.86 3.20 17.09
C TYR B 116 -19.33 3.31 16.71
N ASN B 117 -19.80 4.52 16.36
CA ASN B 117 -21.21 4.70 16.05
C ASN B 117 -21.60 4.06 14.73
N TYR B 118 -20.68 3.92 13.79
CA TYR B 118 -20.99 3.38 12.47
C TYR B 118 -20.84 1.86 12.47
N LEU B 119 -21.89 1.14 12.04
CA LEU B 119 -21.93 -0.30 12.11
C LEU B 119 -22.10 -0.91 10.72
N TYR B 120 -21.73 -2.19 10.61
CA TYR B 120 -22.03 -2.96 9.42
C TYR B 120 -22.49 -4.34 9.84
N ARG B 121 -23.28 -5.00 8.99
CA ARG B 121 -23.68 -6.37 9.27
C ARG B 121 -22.53 -7.30 8.94
N LEU B 122 -22.01 -7.99 9.97
CA LEU B 122 -20.92 -8.94 9.82
C LEU B 122 -21.42 -10.35 9.59
N PHE B 123 -22.51 -10.74 10.23
CA PHE B 123 -23.01 -12.11 10.14
C PHE B 123 -24.38 -12.13 9.45
N ARG B 124 -24.48 -12.92 8.37
CA ARG B 124 -25.73 -13.15 7.66
C ARG B 124 -25.60 -14.48 6.95
N LYS B 125 -26.73 -15.17 6.76
CA LYS B 125 -26.72 -16.50 6.17
C LYS B 125 -26.71 -16.47 4.65
N SER B 126 -27.32 -15.46 4.04
CA SER B 126 -27.44 -15.40 2.58
C SER B 126 -27.20 -13.97 2.13
N ASN B 127 -26.95 -13.81 0.84
CA ASN B 127 -26.71 -12.50 0.26
C ASN B 127 -28.01 -11.71 0.12
N LEU B 128 -27.89 -10.39 0.21
CA LEU B 128 -28.99 -9.48 -0.10
C LEU B 128 -29.32 -9.50 -1.58
N LYS B 129 -30.61 -9.36 -1.89
CA LYS B 129 -31.03 -9.01 -3.23
C LYS B 129 -30.72 -7.53 -3.48
N PRO B 130 -30.64 -7.11 -4.74
CA PRO B 130 -30.34 -5.69 -5.01
C PRO B 130 -31.37 -4.77 -4.35
N PHE B 131 -30.84 -3.73 -3.70
CA PHE B 131 -31.60 -2.70 -2.99
C PHE B 131 -32.33 -3.23 -1.76
N GLU B 132 -32.02 -4.45 -1.32
CA GLU B 132 -32.61 -4.95 -0.08
C GLU B 132 -31.96 -4.27 1.11
N ARG B 133 -32.74 -4.11 2.18
CA ARG B 133 -32.26 -3.50 3.42
C ARG B 133 -32.64 -4.43 4.56
N ASP B 134 -31.65 -4.87 5.32
CA ASP B 134 -31.86 -5.77 6.45
C ASP B 134 -31.45 -5.00 7.70
N ILE B 135 -32.42 -4.67 8.55
CA ILE B 135 -32.10 -3.99 9.79
C ILE B 135 -32.38 -4.88 11.00
N SER B 136 -32.55 -6.18 10.79
CA SER B 136 -32.83 -7.09 11.90
C SER B 136 -31.59 -7.23 12.78
N THR B 137 -31.84 -7.57 14.05
CA THR B 137 -30.74 -7.74 15.00
C THR B 137 -30.89 -9.03 15.79
N GLU B 138 -31.41 -10.08 15.16
CA GLU B 138 -31.51 -11.38 15.83
C GLU B 138 -30.12 -11.96 16.04
N ILE B 139 -29.95 -12.66 17.17
CA ILE B 139 -28.67 -13.29 17.46
C ILE B 139 -28.40 -14.36 16.39
N TYR B 140 -27.21 -14.32 15.80
CA TYR B 140 -26.89 -15.14 14.65
C TYR B 140 -26.37 -16.52 15.09
N GLN B 141 -27.02 -17.57 14.61
CA GLN B 141 -26.68 -18.93 15.00
C GLN B 141 -25.63 -19.48 14.03
N ALA B 142 -24.44 -19.78 14.57
CA ALA B 142 -23.33 -20.24 13.75
C ALA B 142 -23.07 -21.73 13.89
N GLY B 143 -23.81 -22.41 14.77
CA GLY B 143 -23.73 -23.84 14.89
C GLY B 143 -25.11 -24.48 14.80
N SER B 144 -25.23 -25.70 15.30
CA SER B 144 -26.49 -26.41 15.26
C SER B 144 -27.39 -26.14 16.46
N THR B 145 -26.85 -25.57 17.55
CA THR B 145 -27.69 -25.34 18.71
C THR B 145 -28.33 -23.95 18.62
N PRO B 146 -29.65 -23.83 18.87
CA PRO B 146 -30.28 -22.51 18.78
C PRO B 146 -29.80 -21.58 19.89
N CYS B 147 -29.85 -20.29 19.61
CA CYS B 147 -29.32 -19.29 20.52
C CYS B 147 -30.36 -18.78 21.52
N ASN B 148 -31.62 -18.66 21.08
CA ASN B 148 -32.72 -18.20 21.93
C ASN B 148 -32.41 -16.82 22.55
N GLY B 149 -31.94 -15.90 21.72
CA GLY B 149 -31.71 -14.54 22.14
C GLY B 149 -30.53 -14.32 23.07
N VAL B 150 -29.72 -15.34 23.34
CA VAL B 150 -28.58 -15.25 24.25
C VAL B 150 -27.31 -15.33 23.42
N GLU B 151 -26.43 -14.33 23.58
CA GLU B 151 -25.15 -14.36 22.90
C GLU B 151 -24.17 -15.27 23.62
N GLY B 152 -23.23 -15.81 22.87
CA GLY B 152 -22.27 -16.76 23.39
C GLY B 152 -21.55 -17.43 22.24
N PHE B 153 -20.90 -18.55 22.55
CA PHE B 153 -20.25 -19.32 21.50
C PHE B 153 -21.24 -19.72 20.42
N ASN B 154 -20.88 -19.48 19.16
CA ASN B 154 -21.72 -19.73 17.98
C ASN B 154 -23.02 -18.95 18.00
N CYS B 155 -23.10 -17.89 18.82
CA CYS B 155 -24.32 -17.09 18.95
C CYS B 155 -23.90 -15.62 19.00
N TYR B 156 -23.90 -14.97 17.83
CA TYR B 156 -23.25 -13.68 17.65
C TYR B 156 -24.27 -12.60 17.34
N PHE B 157 -24.18 -11.48 18.06
CA PHE B 157 -24.84 -10.28 17.58
C PHE B 157 -24.37 -9.99 16.15
N PRO B 158 -25.29 -9.74 15.21
CA PRO B 158 -24.89 -9.76 13.79
C PRO B 158 -24.21 -8.51 13.29
N LEU B 159 -24.27 -7.40 14.03
CA LEU B 159 -23.64 -6.17 13.59
C LEU B 159 -22.32 -5.94 14.31
N GLN B 160 -21.43 -5.23 13.64
CA GLN B 160 -20.10 -4.91 14.17
C GLN B 160 -19.81 -3.44 13.90
N SER B 161 -19.11 -2.80 14.82
CA SER B 161 -18.71 -1.42 14.60
C SER B 161 -17.39 -1.34 13.83
N TYR B 162 -17.31 -0.35 12.94
CA TYR B 162 -16.01 0.04 12.41
C TYR B 162 -15.22 0.72 13.51
N GLY B 163 -13.91 0.54 13.48
CA GLY B 163 -13.11 1.31 14.41
C GLY B 163 -12.49 2.45 13.65
N PHE B 164 -13.14 3.63 13.65
CA PHE B 164 -12.64 4.77 12.90
C PHE B 164 -11.85 5.65 13.85
N GLN B 165 -10.53 5.57 13.77
CA GLN B 165 -9.61 6.46 14.46
C GLN B 165 -8.90 7.33 13.44
N PRO B 166 -8.59 8.59 13.77
CA PRO B 166 -8.03 9.48 12.74
C PRO B 166 -6.70 9.00 12.18
N THR B 167 -5.94 8.20 12.92
CA THR B 167 -4.64 7.72 12.46
C THR B 167 -4.74 6.47 11.59
N ASN B 168 -5.94 5.97 11.35
CA ASN B 168 -6.14 4.84 10.45
C ASN B 168 -5.52 5.12 9.08
N GLY B 169 -4.96 4.08 8.46
CA GLY B 169 -4.68 4.14 7.04
C GLY B 169 -5.95 4.40 6.24
N VAL B 170 -5.77 4.96 5.03
CA VAL B 170 -6.92 5.41 4.26
C VAL B 170 -7.93 4.27 4.01
N GLY B 171 -7.43 3.05 3.79
CA GLY B 171 -8.35 1.94 3.58
C GLY B 171 -9.21 1.62 4.78
N TYR B 172 -8.75 1.98 5.98
CA TYR B 172 -9.53 1.81 7.20
C TYR B 172 -10.24 3.09 7.62
N GLN B 173 -10.12 4.17 6.83
CA GLN B 173 -10.78 5.43 7.16
C GLN B 173 -12.21 5.43 6.66
N PRO B 174 -13.08 6.24 7.28
CA PRO B 174 -14.48 6.30 6.83
C PRO B 174 -14.62 7.07 5.54
N TYR B 175 -15.51 6.57 4.68
CA TYR B 175 -15.94 7.25 3.47
C TYR B 175 -17.44 7.40 3.51
N ARG B 176 -17.91 8.60 3.19
CA ARG B 176 -19.33 8.84 3.00
C ARG B 176 -19.67 8.52 1.55
N VAL B 177 -20.81 7.88 1.34
CA VAL B 177 -21.22 7.40 0.02
C VAL B 177 -22.63 7.88 -0.24
N VAL B 178 -22.88 8.38 -1.45
CA VAL B 178 -24.23 8.67 -1.94
C VAL B 178 -24.38 7.94 -3.25
N VAL B 179 -25.42 7.10 -3.35
CA VAL B 179 -25.79 6.42 -4.60
C VAL B 179 -27.03 7.11 -5.13
N LEU B 180 -26.92 7.73 -6.30
CA LEU B 180 -28.07 8.31 -6.98
C LEU B 180 -28.69 7.28 -7.90
N SER B 181 -30.00 7.11 -7.81
CA SER B 181 -30.72 6.27 -8.74
C SER B 181 -31.91 7.04 -9.28
N PHE B 182 -32.42 6.55 -10.40
CA PHE B 182 -33.36 7.30 -11.22
C PHE B 182 -34.53 6.42 -11.57
N GLU B 183 -35.71 7.01 -11.61
CA GLU B 183 -36.94 6.26 -11.82
C GLU B 183 -37.71 6.92 -12.93
N LEU B 184 -38.13 6.12 -13.92
CA LEU B 184 -38.92 6.60 -15.04
C LEU B 184 -40.15 5.71 -15.17
N LEU B 185 -41.31 6.29 -14.92
CA LEU B 185 -42.61 5.61 -15.00
C LEU B 185 -43.50 6.31 -16.02
N HIS B 186 -44.66 5.70 -16.27
CA HIS B 186 -45.74 6.36 -17.00
C HIS B 186 -46.47 7.30 -16.04
N ALA B 187 -45.76 8.36 -15.68
CA ALA B 187 -46.21 9.34 -14.70
C ALA B 187 -45.57 10.67 -15.04
N PRO B 188 -46.08 11.78 -14.52
CA PRO B 188 -45.46 13.07 -14.82
C PRO B 188 -44.02 13.12 -14.32
N ALA B 189 -43.14 13.69 -15.14
CA ALA B 189 -41.76 13.87 -14.75
C ALA B 189 -41.68 15.02 -13.76
N THR B 190 -40.96 14.82 -12.65
CA THR B 190 -40.87 15.89 -11.65
C THR B 190 -39.46 16.36 -11.38
N VAL B 191 -38.42 15.70 -11.90
CA VAL B 191 -37.04 16.15 -11.67
C VAL B 191 -36.35 16.28 -13.02
N CYS B 192 -36.11 17.52 -13.44
CA CYS B 192 -35.41 17.81 -14.68
C CYS B 192 -34.16 18.62 -14.37
N GLY B 193 -33.26 18.67 -15.36
CA GLY B 193 -32.10 19.52 -15.28
C GLY B 193 -32.48 20.97 -15.46
N PRO B 194 -31.53 21.88 -15.24
CA PRO B 194 -31.83 23.30 -15.37
C PRO B 194 -32.20 23.69 -16.80
N ASP B 195 -33.09 24.68 -16.91
CA ASP B 195 -33.48 25.21 -18.21
C ASP B 195 -32.31 25.90 -18.89
N VAL C 2 17.06 23.87 -25.81
CA VAL C 2 16.90 22.60 -25.10
C VAL C 2 15.75 21.81 -25.70
N GLN C 3 16.02 20.59 -26.16
CA GLN C 3 14.96 19.80 -26.77
C GLN C 3 15.31 18.32 -26.71
N LEU C 4 14.26 17.51 -26.63
CA LEU C 4 14.33 16.05 -26.74
C LEU C 4 13.50 15.66 -27.95
N VAL C 5 14.08 14.90 -28.88
CA VAL C 5 13.41 14.57 -30.13
C VAL C 5 13.28 13.06 -30.23
N GLU C 6 12.05 12.55 -30.07
CA GLU C 6 11.80 11.11 -30.16
C GLU C 6 11.50 10.69 -31.59
N SER C 7 11.84 9.45 -31.90
CA SER C 7 11.53 8.84 -33.18
C SER C 7 11.47 7.33 -32.99
N GLY C 8 11.00 6.63 -34.01
CA GLY C 8 10.98 5.17 -33.99
C GLY C 8 9.60 4.56 -33.83
N GLY C 9 8.59 5.35 -33.54
CA GLY C 9 7.25 4.81 -33.43
C GLY C 9 6.71 4.36 -34.77
N GLY C 10 5.56 3.71 -34.73
CA GLY C 10 4.93 3.26 -35.95
C GLY C 10 3.68 2.46 -35.65
N LEU C 11 3.16 1.84 -36.69
CA LEU C 11 1.95 1.03 -36.62
C LEU C 11 2.35 -0.42 -36.87
N ILE C 12 2.07 -1.30 -35.89
CA ILE C 12 2.41 -2.72 -36.00
C ILE C 12 1.26 -3.55 -35.45
N GLN C 13 1.37 -4.87 -35.62
CA GLN C 13 0.43 -5.79 -34.99
C GLN C 13 1.04 -6.39 -33.72
N PRO C 14 0.21 -6.96 -32.84
CA PRO C 14 0.74 -7.51 -31.59
C PRO C 14 1.80 -8.57 -31.85
N GLY C 15 2.77 -8.63 -30.95
CA GLY C 15 3.90 -9.52 -31.07
C GLY C 15 5.14 -8.88 -31.65
N GLY C 16 5.00 -7.73 -32.31
CA GLY C 16 6.12 -7.10 -33.00
C GLY C 16 7.05 -6.38 -32.05
N SER C 17 8.09 -5.77 -32.64
CA SER C 17 9.06 -4.98 -31.87
C SER C 17 9.31 -3.64 -32.54
N LEU C 18 9.73 -2.67 -31.71
CA LEU C 18 10.12 -1.35 -32.15
C LEU C 18 11.30 -0.90 -31.29
N ARG C 19 12.03 0.08 -31.80
CA ARG C 19 13.06 0.75 -31.00
C ARG C 19 12.84 2.25 -31.07
N LEU C 20 12.56 2.86 -29.93
CA LEU C 20 12.43 4.32 -29.88
C LEU C 20 13.79 4.94 -29.61
N SER C 21 14.03 6.09 -30.23
CA SER C 21 15.24 6.87 -30.00
C SER C 21 14.82 8.25 -29.49
N CYS C 22 15.68 8.84 -28.66
CA CYS C 22 15.44 10.19 -28.13
C CYS C 22 16.76 10.95 -28.20
N ALA C 23 16.87 11.83 -29.20
CA ALA C 23 18.08 12.63 -29.41
C ALA C 23 17.97 13.90 -28.58
N ALA C 24 18.91 14.08 -27.66
CA ALA C 24 18.87 15.19 -26.72
C ALA C 24 19.76 16.33 -27.20
N SER C 25 19.32 17.56 -26.90
CA SER C 25 20.11 18.76 -27.14
C SER C 25 19.88 19.71 -25.96
N GLY C 26 20.96 20.19 -25.36
CA GLY C 26 20.83 21.09 -24.23
C GLY C 26 20.76 20.43 -22.87
N VAL C 27 20.66 19.10 -22.81
CA VAL C 27 20.88 18.33 -21.59
C VAL C 27 21.76 17.16 -22.00
N THR C 28 22.56 16.66 -21.05
CA THR C 28 23.45 15.52 -21.32
C THR C 28 22.80 14.26 -20.77
N VAL C 29 22.40 13.36 -21.67
CA VAL C 29 21.66 12.15 -21.29
C VAL C 29 22.41 11.38 -20.21
N SER C 30 23.72 11.20 -20.39
CA SER C 30 24.50 10.38 -19.48
C SER C 30 24.68 11.00 -18.11
N ARG C 31 24.35 12.28 -17.93
CA ARG C 31 24.49 12.93 -16.63
C ARG C 31 23.17 13.08 -15.91
N ASN C 32 22.07 12.59 -16.47
CA ASN C 32 20.74 12.82 -15.94
C ASN C 32 20.04 11.50 -15.64
N TYR C 33 19.08 11.57 -14.72
CA TYR C 33 17.96 10.64 -14.74
C TYR C 33 17.14 10.94 -16.00
N MET C 34 16.95 9.93 -16.86
CA MET C 34 16.05 10.07 -18.01
C MET C 34 14.97 9.00 -17.97
N SER C 35 13.73 9.42 -18.17
CA SER C 35 12.58 8.54 -18.10
C SER C 35 11.84 8.50 -19.44
N TRP C 36 11.14 7.40 -19.66
CA TRP C 36 10.14 7.30 -20.70
C TRP C 36 8.78 7.32 -20.02
N VAL C 37 7.86 8.10 -20.56
CA VAL C 37 6.50 8.22 -20.06
C VAL C 37 5.59 8.11 -21.28
N ARG C 38 4.52 7.32 -21.16
CA ARG C 38 3.63 7.08 -22.29
C ARG C 38 2.20 7.46 -21.94
N GLN C 39 1.40 7.64 -22.98
CA GLN C 39 0.00 8.06 -22.81
C GLN C 39 -0.85 7.38 -23.87
N ALA C 40 -1.71 6.46 -23.45
CA ALA C 40 -2.61 5.81 -24.36
C ALA C 40 -3.66 6.81 -24.86
N PRO C 41 -4.16 6.65 -26.09
CA PRO C 41 -5.10 7.65 -26.63
C PRO C 41 -6.28 7.88 -25.70
N GLY C 42 -6.50 9.16 -25.36
CA GLY C 42 -7.58 9.52 -24.48
C GLY C 42 -7.38 9.19 -23.01
N LYS C 43 -6.20 8.73 -22.61
CA LYS C 43 -5.97 8.28 -21.24
C LYS C 43 -4.89 9.15 -20.58
N GLY C 44 -4.48 8.74 -19.38
CA GLY C 44 -3.53 9.51 -18.60
C GLY C 44 -2.09 9.10 -18.83
N LEU C 45 -1.21 9.73 -18.07
CA LEU C 45 0.22 9.50 -18.17
C LEU C 45 0.63 8.23 -17.41
N GLU C 46 1.53 7.45 -17.99
CA GLU C 46 2.05 6.25 -17.34
C GLU C 46 3.58 6.22 -17.47
N TRP C 47 4.27 6.28 -16.34
CA TRP C 47 5.71 6.14 -16.35
C TRP C 47 6.10 4.72 -16.78
N VAL C 48 7.15 4.59 -17.59
CA VAL C 48 7.55 3.34 -18.22
C VAL C 48 8.89 2.85 -17.71
N SER C 49 9.91 3.72 -17.70
CA SER C 49 11.24 3.27 -17.30
C SER C 49 12.09 4.49 -16.99
N ILE C 50 13.25 4.22 -16.37
CA ILE C 50 14.20 5.28 -16.04
C ILE C 50 15.59 4.68 -16.13
N ILE C 51 16.55 5.51 -16.53
CA ILE C 51 17.96 5.14 -16.48
C ILE C 51 18.71 6.24 -15.72
N TYR C 52 19.48 5.85 -14.73
CA TYR C 52 20.25 6.75 -13.89
C TYR C 52 21.54 7.16 -14.59
N ALA C 53 22.10 8.30 -14.18
CA ALA C 53 23.42 8.70 -14.68
C ALA C 53 24.43 7.59 -14.47
N GLY C 54 24.42 6.98 -13.28
CA GLY C 54 25.35 5.91 -12.98
C GLY C 54 25.05 4.57 -13.64
N GLY C 55 23.94 4.42 -14.34
CA GLY C 55 23.68 3.23 -15.14
C GLY C 55 22.52 2.37 -14.66
N SER C 56 22.05 2.53 -13.41
CA SER C 56 20.93 1.72 -12.94
C SER C 56 19.69 1.97 -13.78
N THR C 57 18.90 0.92 -13.98
CA THR C 57 17.65 1.04 -14.73
C THR C 57 16.49 0.47 -13.93
N PHE C 58 15.30 1.01 -14.15
CA PHE C 58 14.08 0.54 -13.49
C PHE C 58 12.92 0.63 -14.47
N TYR C 59 11.92 -0.23 -14.25
CA TYR C 59 10.83 -0.41 -15.20
C TYR C 59 9.50 -0.53 -14.46
N ALA C 60 8.43 -0.02 -15.09
CA ALA C 60 7.09 -0.31 -14.60
C ALA C 60 6.79 -1.80 -14.75
N ASP C 61 5.99 -2.32 -13.81
CA ASP C 61 5.64 -3.74 -13.87
C ASP C 61 4.97 -4.09 -15.19
N SER C 62 4.25 -3.14 -15.79
CA SER C 62 3.53 -3.40 -17.02
C SER C 62 4.42 -3.67 -18.23
N VAL C 63 5.73 -3.35 -18.15
CA VAL C 63 6.63 -3.54 -19.28
C VAL C 63 7.85 -4.36 -18.91
N LYS C 64 7.98 -4.81 -17.66
CA LYS C 64 9.16 -5.55 -17.23
C LYS C 64 9.35 -6.82 -18.07
N GLY C 65 10.60 -7.05 -18.49
CA GLY C 65 10.93 -8.21 -19.29
C GLY C 65 10.66 -8.07 -20.77
N ARG C 66 10.00 -6.99 -21.20
CA ARG C 66 9.74 -6.73 -22.59
C ARG C 66 10.43 -5.48 -23.13
N PHE C 67 10.61 -4.46 -22.29
CA PHE C 67 11.21 -3.20 -22.70
C PHE C 67 12.59 -3.07 -22.04
N THR C 68 13.51 -2.42 -22.75
CA THR C 68 14.85 -2.16 -22.23
C THR C 68 15.24 -0.72 -22.54
N VAL C 69 15.62 0.04 -21.51
CA VAL C 69 16.09 1.41 -21.72
C VAL C 69 17.61 1.38 -21.76
N SER C 70 18.19 2.18 -22.65
CA SER C 70 19.64 2.27 -22.78
C SER C 70 19.98 3.65 -23.34
N ARG C 71 21.28 3.91 -23.48
CA ARG C 71 21.72 5.18 -24.05
C ARG C 71 23.04 4.99 -24.78
N ASP C 72 23.36 5.99 -25.61
CA ASP C 72 24.63 6.09 -26.31
C ASP C 72 25.19 7.45 -25.97
N ASN C 73 26.23 7.48 -25.12
CA ASN C 73 26.79 8.75 -24.68
C ASN C 73 27.31 9.56 -25.86
N SER C 74 27.96 8.89 -26.82
CA SER C 74 28.59 9.60 -27.93
C SER C 74 27.55 10.29 -28.83
N LYS C 75 26.33 9.77 -28.87
CA LYS C 75 25.26 10.38 -29.66
C LYS C 75 24.30 11.21 -28.82
N ASN C 76 24.55 11.31 -27.51
CA ASN C 76 23.63 11.99 -26.59
C ASN C 76 22.18 11.57 -26.85
N THR C 77 21.96 10.26 -26.90
CA THR C 77 20.68 9.69 -27.29
C THR C 77 20.24 8.63 -26.29
N LEU C 78 18.95 8.65 -25.96
CA LEU C 78 18.26 7.66 -25.13
C LEU C 78 17.49 6.70 -26.04
N TYR C 79 17.43 5.42 -25.66
CA TYR C 79 16.70 4.42 -26.43
C TYR C 79 15.67 3.70 -25.58
N LEU C 80 14.64 3.18 -26.24
CA LEU C 80 13.70 2.24 -25.62
C LEU C 80 13.45 1.09 -26.58
N GLN C 81 14.02 -0.07 -26.29
CA GLN C 81 13.76 -1.27 -27.07
C GLN C 81 12.47 -1.91 -26.58
N MET C 82 11.52 -2.11 -27.48
CA MET C 82 10.18 -2.58 -27.12
C MET C 82 9.92 -3.91 -27.83
N ASN C 83 9.93 -5.00 -27.09
CA ASN C 83 9.67 -6.32 -27.64
C ASN C 83 8.33 -6.86 -27.17
N SER C 84 7.83 -7.87 -27.89
CA SER C 84 6.59 -8.58 -27.52
C SER C 84 5.45 -7.59 -27.30
N LEU C 85 5.26 -6.69 -28.25
CA LEU C 85 4.31 -5.59 -28.08
C LEU C 85 2.87 -6.10 -28.07
N ARG C 86 2.02 -5.42 -27.29
CA ARG C 86 0.63 -5.78 -27.11
C ARG C 86 -0.23 -4.56 -27.45
N ALA C 87 -1.51 -4.79 -27.70
CA ALA C 87 -2.42 -3.69 -28.00
C ALA C 87 -2.36 -2.62 -26.92
N GLU C 88 -2.29 -3.03 -25.65
CA GLU C 88 -2.31 -2.05 -24.57
C GLU C 88 -1.03 -1.25 -24.46
N ASP C 89 -0.01 -1.54 -25.28
CA ASP C 89 1.18 -0.69 -25.38
C ASP C 89 0.97 0.49 -26.32
N THR C 90 -0.17 0.57 -26.97
CA THR C 90 -0.46 1.68 -27.85
C THR C 90 -0.47 2.99 -27.05
N ALA C 91 0.30 3.96 -27.51
CA ALA C 91 0.47 5.20 -26.76
C ALA C 91 1.38 6.14 -27.55
N VAL C 92 1.32 7.42 -27.18
CA VAL C 92 2.42 8.33 -27.48
C VAL C 92 3.49 8.14 -26.43
N TYR C 93 4.74 7.98 -26.86
CA TYR C 93 5.85 7.78 -25.94
C TYR C 93 6.69 9.04 -25.87
N TYR C 94 6.86 9.57 -24.65
CA TYR C 94 7.64 10.78 -24.40
C TYR C 94 8.95 10.44 -23.71
N CYS C 95 10.02 11.07 -24.20
CA CYS C 95 11.31 11.11 -23.54
C CYS C 95 11.32 12.29 -22.58
N VAL C 96 11.81 12.10 -21.35
CA VAL C 96 11.79 13.21 -20.38
C VAL C 96 13.09 13.25 -19.60
N ARG C 97 13.55 14.45 -19.26
CA ARG C 97 14.59 14.61 -18.27
C ARG C 97 13.94 14.69 -16.91
N ASP C 98 14.38 13.84 -16.00
CA ASP C 98 13.72 13.58 -14.72
C ASP C 98 14.58 14.17 -13.61
N LEU C 99 14.05 15.16 -12.89
CA LEU C 99 14.76 15.76 -11.78
C LEU C 99 14.26 15.26 -10.43
N GLN C 100 13.50 14.15 -10.43
CA GLN C 100 13.05 13.50 -9.21
C GLN C 100 12.25 14.47 -8.36
N ASP C 101 12.79 14.89 -7.21
CA ASP C 101 12.12 15.85 -6.33
C ASP C 101 11.69 17.13 -7.04
N TYR C 102 12.35 17.52 -8.12
CA TYR C 102 12.01 18.74 -8.83
C TYR C 102 11.13 18.49 -10.03
N GLY C 103 10.59 17.28 -10.17
CA GLY C 103 9.69 16.97 -11.24
C GLY C 103 10.41 16.63 -12.54
N MET C 104 9.60 16.48 -13.59
CA MET C 104 10.02 16.10 -14.92
C MET C 104 9.94 17.37 -15.75
N ASP C 105 11.06 18.07 -15.93
CA ASP C 105 10.98 19.43 -16.44
C ASP C 105 11.14 19.56 -17.96
N VAL C 106 11.81 18.61 -18.62
CA VAL C 106 11.99 18.67 -20.06
C VAL C 106 11.28 17.48 -20.69
N TRP C 107 10.43 17.76 -21.67
CA TRP C 107 9.65 16.74 -22.38
C TRP C 107 9.89 16.89 -23.88
N GLY C 108 10.02 15.77 -24.56
CA GLY C 108 9.98 15.77 -26.01
C GLY C 108 8.56 15.91 -26.51
N GLN C 109 8.43 15.94 -27.85
CA GLN C 109 7.13 16.04 -28.49
C GLN C 109 6.42 14.70 -28.59
N GLY C 110 7.14 13.61 -28.36
CA GLY C 110 6.55 12.28 -28.39
C GLY C 110 6.65 11.62 -29.75
N THR C 111 6.66 10.28 -29.73
CA THR C 111 6.54 9.47 -30.93
C THR C 111 5.38 8.49 -30.73
N THR C 112 4.59 8.29 -31.77
CA THR C 112 3.36 7.54 -31.64
C THR C 112 3.58 6.06 -31.95
N VAL C 113 3.09 5.20 -31.07
CA VAL C 113 3.16 3.75 -31.23
C VAL C 113 1.73 3.24 -31.26
N THR C 114 1.37 2.53 -32.34
CA THR C 114 0.06 1.92 -32.43
C THR C 114 0.23 0.42 -32.67
N VAL C 115 -0.32 -0.40 -31.77
CA VAL C 115 -0.28 -1.85 -31.87
C VAL C 115 -1.72 -2.33 -32.02
N SER C 116 -2.07 -2.84 -33.20
CA SER C 116 -3.48 -3.12 -33.45
C SER C 116 -3.68 -4.37 -34.30
N SER C 117 -4.84 -4.99 -34.07
CA SER C 117 -5.34 -6.13 -34.84
C SER C 117 -4.44 -7.35 -34.71
N MET C 138 -5.83 2.83 -6.84
CA MET C 138 -5.32 4.16 -7.15
C MET C 138 -4.61 4.81 -5.96
N GLN C 139 -3.29 5.00 -6.08
CA GLN C 139 -2.55 5.69 -5.03
C GLN C 139 -2.79 7.19 -5.05
N LEU C 140 -3.24 7.74 -6.18
CA LEU C 140 -3.37 9.17 -6.36
C LEU C 140 -4.65 9.43 -7.15
N THR C 141 -5.60 10.10 -6.51
CA THR C 141 -6.92 10.29 -7.11
C THR C 141 -7.17 11.78 -7.30
N GLN C 142 -7.45 12.19 -8.53
CA GLN C 142 -7.73 13.58 -8.87
C GLN C 142 -9.23 13.81 -8.95
N SER C 143 -9.66 15.00 -8.52
CA SER C 143 -11.08 15.39 -8.56
C SER C 143 -11.20 16.87 -8.89
N PRO C 144 -12.16 17.26 -9.75
CA PRO C 144 -13.03 16.35 -10.50
C PRO C 144 -12.26 15.77 -11.66
N SER C 145 -12.90 14.87 -12.40
CA SER C 145 -12.29 14.38 -13.63
C SER C 145 -12.49 15.37 -14.78
N PHE C 146 -13.60 16.10 -14.76
CA PHE C 146 -13.93 17.04 -15.81
C PHE C 146 -14.47 18.31 -15.17
N LEU C 147 -14.07 19.45 -15.73
CA LEU C 147 -14.43 20.77 -15.23
C LEU C 147 -14.81 21.67 -16.39
N SER C 148 -15.98 22.29 -16.32
CA SER C 148 -16.39 23.33 -17.26
C SER C 148 -16.30 24.68 -16.56
N ALA C 149 -15.65 25.64 -17.21
CA ALA C 149 -15.47 26.95 -16.60
C ALA C 149 -15.38 28.01 -17.68
N SER C 150 -15.40 29.27 -17.26
CA SER C 150 -15.36 30.41 -18.15
C SER C 150 -14.11 31.23 -17.88
N VAL C 151 -13.67 31.98 -18.89
CA VAL C 151 -12.54 32.89 -18.73
C VAL C 151 -12.81 33.84 -17.57
N GLY C 152 -11.87 33.90 -16.62
CA GLY C 152 -12.03 34.70 -15.43
C GLY C 152 -12.46 33.92 -14.21
N ASP C 153 -12.94 32.69 -14.38
CA ASP C 153 -13.34 31.85 -13.26
C ASP C 153 -12.13 31.44 -12.43
N ARG C 154 -12.35 31.33 -11.11
CA ARG C 154 -11.37 30.70 -10.22
C ARG C 154 -11.73 29.22 -10.12
N VAL C 155 -10.79 28.34 -10.48
CA VAL C 155 -11.05 26.92 -10.50
C VAL C 155 -10.05 26.20 -9.60
N THR C 156 -10.50 25.11 -8.98
CA THR C 156 -9.67 24.32 -8.09
C THR C 156 -9.74 22.85 -8.48
N ILE C 157 -8.58 22.23 -8.47
CA ILE C 157 -8.42 20.82 -8.79
C ILE C 157 -7.70 20.20 -7.61
N THR C 158 -8.18 19.06 -7.15
CA THR C 158 -7.65 18.44 -5.95
C THR C 158 -7.10 17.07 -6.27
N CYS C 159 -5.96 16.75 -5.66
CA CYS C 159 -5.29 15.48 -5.80
C CYS C 159 -5.15 14.88 -4.40
N ARG C 160 -5.59 13.64 -4.23
CA ARG C 160 -5.59 12.99 -2.91
C ARG C 160 -4.78 11.71 -2.95
N ALA C 161 -3.82 11.59 -2.04
CA ALA C 161 -2.92 10.45 -1.96
C ALA C 161 -3.45 9.42 -0.95
N SER C 162 -3.02 8.17 -1.14
CA SER C 162 -3.44 7.05 -0.31
C SER C 162 -2.65 6.95 0.98
N GLN C 163 -1.66 7.81 1.18
CA GLN C 163 -0.84 7.87 2.38
C GLN C 163 -0.25 9.27 2.46
N GLY C 164 0.29 9.62 3.62
CA GLY C 164 0.95 10.91 3.75
C GLY C 164 2.22 10.97 2.90
N ILE C 165 2.33 11.99 2.06
CA ILE C 165 3.49 12.10 1.17
C ILE C 165 4.16 13.46 1.31
N SER C 166 3.95 14.13 2.43
CA SER C 166 4.63 15.40 2.73
C SER C 166 4.36 16.38 1.58
N SER C 167 5.39 16.94 0.95
CA SER C 167 5.24 17.84 -0.18
C SER C 167 5.72 17.21 -1.48
N TYR C 168 5.70 15.87 -1.56
CA TYR C 168 6.22 15.16 -2.73
C TYR C 168 5.16 15.10 -3.83
N LEU C 169 4.85 16.27 -4.39
CA LEU C 169 3.83 16.33 -5.44
C LEU C 169 4.21 17.35 -6.51
N ALA C 170 3.98 16.99 -7.77
CA ALA C 170 4.14 17.92 -8.89
C ALA C 170 2.83 18.02 -9.66
N TRP C 171 2.68 19.15 -10.36
CA TRP C 171 1.53 19.40 -11.22
C TRP C 171 2.00 19.70 -12.64
N TYR C 172 1.30 19.12 -13.62
CA TYR C 172 1.58 19.31 -15.05
C TYR C 172 0.33 19.81 -15.77
N GLN C 173 0.57 20.55 -16.84
CA GLN C 173 -0.48 21.01 -17.74
C GLN C 173 -0.23 20.40 -19.10
N GLN C 174 -1.28 19.86 -19.72
CA GLN C 174 -1.12 19.28 -21.05
C GLN C 174 -2.19 19.88 -21.96
N LYS C 175 -1.78 20.73 -22.87
CA LYS C 175 -2.72 21.26 -23.83
C LYS C 175 -3.00 20.21 -24.90
N PRO C 176 -4.17 20.26 -25.54
CA PRO C 176 -4.49 19.25 -26.56
C PRO C 176 -3.45 19.21 -27.68
N GLY C 177 -2.98 18.01 -27.98
CA GLY C 177 -1.98 17.79 -29.02
C GLY C 177 -0.54 17.92 -28.57
N LYS C 178 -0.29 18.37 -27.34
CA LYS C 178 1.04 18.77 -26.90
C LYS C 178 1.52 17.87 -25.77
N ALA C 179 2.83 17.93 -25.52
CA ALA C 179 3.41 17.22 -24.39
C ALA C 179 3.03 17.93 -23.10
N PRO C 180 3.00 17.20 -21.98
CA PRO C 180 2.81 17.85 -20.68
C PRO C 180 3.93 18.83 -20.41
N LYS C 181 3.61 19.81 -19.58
CA LYS C 181 4.53 20.85 -19.15
C LYS C 181 4.49 20.91 -17.63
N LEU C 182 5.67 20.95 -16.99
CA LEU C 182 5.75 21.04 -15.55
C LEU C 182 5.33 22.43 -15.06
N LEU C 183 4.36 22.47 -14.14
CA LEU C 183 3.93 23.74 -13.56
C LEU C 183 4.49 23.97 -12.17
N ILE C 184 4.44 22.95 -11.31
CA ILE C 184 4.70 23.09 -9.88
C ILE C 184 5.40 21.83 -9.41
N TYR C 185 6.41 21.98 -8.55
CA TYR C 185 7.01 20.85 -7.87
C TYR C 185 7.05 21.15 -6.37
N ALA C 186 7.32 20.11 -5.57
CA ALA C 186 7.31 20.23 -4.11
C ALA C 186 6.00 20.85 -3.60
N ALA C 187 4.90 20.48 -4.25
CA ALA C 187 3.51 20.83 -3.91
C ALA C 187 3.15 22.29 -4.19
N SER C 188 4.07 23.24 -3.93
CA SER C 188 3.72 24.64 -4.00
C SER C 188 4.72 25.51 -4.77
N THR C 189 5.84 24.96 -5.21
CA THR C 189 6.88 25.76 -5.86
C THR C 189 6.63 25.81 -7.36
N LEU C 190 6.35 27.00 -7.88
CA LEU C 190 6.14 27.15 -9.31
C LEU C 190 7.45 27.00 -10.09
N GLN C 191 7.36 26.30 -11.20
CA GLN C 191 8.45 26.32 -12.18
C GLN C 191 8.65 27.75 -12.69
N SER C 192 9.90 28.10 -12.97
CA SER C 192 10.17 29.45 -13.45
C SER C 192 9.42 29.70 -14.75
N GLY C 193 8.86 30.90 -14.88
CA GLY C 193 8.07 31.27 -16.05
C GLY C 193 6.59 31.01 -15.94
N VAL C 194 6.15 30.25 -14.95
CA VAL C 194 4.72 29.96 -14.80
C VAL C 194 4.02 31.18 -14.21
N PRO C 195 2.88 31.60 -14.75
CA PRO C 195 2.23 32.82 -14.25
C PRO C 195 1.66 32.65 -12.85
N SER C 196 1.56 33.78 -12.15
CA SER C 196 1.16 33.78 -10.73
C SER C 196 -0.29 33.36 -10.52
N ARG C 197 -1.11 33.31 -11.57
CA ARG C 197 -2.48 32.82 -11.36
C ARG C 197 -2.52 31.34 -11.03
N PHE C 198 -1.44 30.60 -11.27
CA PHE C 198 -1.33 29.21 -10.84
C PHE C 198 -0.73 29.16 -9.45
N SER C 199 -1.32 28.37 -8.57
CA SER C 199 -0.74 28.12 -7.26
C SER C 199 -1.06 26.70 -6.81
N GLY C 200 -0.20 26.16 -5.99
CA GLY C 200 -0.41 24.83 -5.42
C GLY C 200 -0.32 24.89 -3.92
N ARG C 201 -1.18 24.12 -3.26
CA ARG C 201 -1.20 24.04 -1.80
C ARG C 201 -1.31 22.59 -1.36
N GLY C 202 -1.00 22.36 -0.10
CA GLY C 202 -1.24 21.05 0.45
C GLY C 202 0.02 20.40 0.98
N SER C 203 -0.16 19.60 2.03
CA SER C 203 0.92 18.79 2.57
C SER C 203 0.26 17.62 3.29
N GLY C 204 0.71 16.41 2.98
CA GLY C 204 0.13 15.23 3.58
C GLY C 204 -0.60 14.39 2.56
N THR C 205 -1.94 14.40 2.59
CA THR C 205 -2.69 13.60 1.63
C THR C 205 -3.50 14.43 0.63
N GLU C 206 -3.75 15.70 0.91
CA GLU C 206 -4.65 16.49 0.06
C GLU C 206 -3.92 17.69 -0.52
N PHE C 207 -3.95 17.82 -1.85
CA PHE C 207 -3.21 18.83 -2.59
C PHE C 207 -4.18 19.49 -3.56
N THR C 208 -4.04 20.80 -3.72
CA THR C 208 -4.96 21.53 -4.60
C THR C 208 -4.17 22.45 -5.51
N LEU C 209 -4.51 22.40 -6.79
CA LEU C 209 -4.06 23.35 -7.80
C LEU C 209 -5.17 24.36 -8.01
N THR C 210 -4.85 25.64 -7.90
CA THR C 210 -5.83 26.69 -8.10
C THR C 210 -5.39 27.56 -9.26
N ILE C 211 -6.32 27.86 -10.17
CA ILE C 211 -6.12 28.89 -11.18
C ILE C 211 -7.06 30.03 -10.80
N SER C 212 -6.48 31.17 -10.41
CA SER C 212 -7.27 32.21 -9.76
C SER C 212 -8.16 32.95 -10.74
N SER C 213 -7.79 32.95 -12.02
CA SER C 213 -8.52 33.73 -13.03
C SER C 213 -8.18 33.06 -14.38
N LEU C 214 -9.04 32.11 -14.76
CA LEU C 214 -8.78 31.28 -15.94
C LEU C 214 -8.60 32.15 -17.20
N GLN C 215 -7.56 31.84 -17.98
CA GLN C 215 -7.32 32.49 -19.25
C GLN C 215 -7.60 31.51 -20.39
N PRO C 216 -7.86 32.00 -21.60
CA PRO C 216 -8.19 31.07 -22.70
C PRO C 216 -7.11 30.04 -22.96
N GLU C 217 -5.84 30.37 -22.76
CA GLU C 217 -4.78 29.39 -22.96
C GLU C 217 -4.75 28.32 -21.86
N ASP C 218 -5.52 28.50 -20.79
CA ASP C 218 -5.47 27.59 -19.66
C ASP C 218 -6.37 26.37 -19.81
N PHE C 219 -7.22 26.33 -20.82
CA PHE C 219 -8.04 25.14 -21.00
C PHE C 219 -7.14 24.00 -21.49
N ALA C 220 -7.08 22.95 -20.69
CA ALA C 220 -6.07 21.90 -20.84
C ALA C 220 -6.43 20.79 -19.87
N THR C 221 -5.64 19.72 -19.89
CA THR C 221 -5.76 18.68 -18.89
C THR C 221 -4.58 18.79 -17.92
N TYR C 222 -4.88 18.71 -16.62
CA TYR C 222 -3.91 18.88 -15.57
C TYR C 222 -3.71 17.55 -14.84
N TYR C 223 -2.45 17.22 -14.55
CA TYR C 223 -2.09 15.98 -13.90
C TYR C 223 -1.27 16.28 -12.66
N CYS C 224 -1.56 15.55 -11.58
CA CYS C 224 -0.64 15.54 -10.45
C CYS C 224 0.24 14.29 -10.53
N GLN C 225 1.41 14.38 -9.92
CA GLN C 225 2.37 13.28 -9.87
C GLN C 225 2.91 13.16 -8.45
N GLN C 226 2.91 11.95 -7.91
CA GLN C 226 3.51 11.71 -6.61
C GLN C 226 5.01 11.51 -6.79
N LEU C 227 5.81 12.38 -6.20
CA LEU C 227 7.25 12.35 -6.45
C LEU C 227 7.94 11.30 -5.59
N ASN C 228 8.98 10.68 -6.15
CA ASN C 228 9.76 9.65 -5.44
C ASN C 228 8.87 8.55 -4.88
N SER C 229 7.90 8.10 -5.68
CA SER C 229 6.91 7.14 -5.24
C SER C 229 7.39 5.70 -5.39
N TYR C 230 6.67 4.81 -4.71
CA TYR C 230 6.85 3.35 -4.80
C TYR C 230 5.49 2.69 -5.00
N PRO C 231 5.19 2.15 -6.20
CA PRO C 231 6.02 2.07 -7.40
C PRO C 231 6.32 3.45 -8.01
N PRO C 232 7.39 3.54 -8.81
CA PRO C 232 7.79 4.84 -9.33
C PRO C 232 6.78 5.44 -10.30
N GLY C 233 6.77 6.77 -10.34
CA GLY C 233 6.08 7.49 -11.41
C GLY C 233 4.57 7.50 -11.31
N THR C 234 4.01 7.49 -10.11
CA THR C 234 2.57 7.50 -9.95
C THR C 234 1.98 8.86 -10.36
N PHE C 235 1.01 8.82 -11.28
CA PHE C 235 0.28 10.00 -11.73
C PHE C 235 -1.19 9.90 -11.33
N GLY C 236 -1.81 11.06 -11.06
CA GLY C 236 -3.25 11.12 -11.04
C GLY C 236 -3.83 10.90 -12.43
N GLN C 237 -5.14 10.67 -12.49
CA GLN C 237 -5.77 10.32 -13.77
C GLN C 237 -6.11 11.54 -14.63
N GLY C 238 -5.88 12.74 -14.15
CA GLY C 238 -6.05 13.94 -14.95
C GLY C 238 -7.38 14.61 -14.70
N THR C 239 -7.39 15.94 -14.82
CA THR C 239 -8.59 16.76 -14.77
C THR C 239 -8.66 17.58 -16.05
N LYS C 240 -9.71 17.40 -16.84
CA LYS C 240 -9.86 18.13 -18.09
C LYS C 240 -10.66 19.40 -17.84
N VAL C 241 -10.04 20.55 -18.08
CA VAL C 241 -10.68 21.85 -17.92
C VAL C 241 -11.06 22.36 -19.29
N GLU C 242 -12.35 22.57 -19.53
CA GLU C 242 -12.82 22.99 -20.84
C GLU C 242 -13.86 24.09 -20.68
N ILE C 243 -14.21 24.71 -21.80
CA ILE C 243 -15.13 25.86 -21.80
C ILE C 243 -16.58 25.43 -21.64
N ASN D 1 36.13 -4.34 28.84
CA ASN D 1 35.14 -3.28 28.72
C ASN D 1 34.05 -3.71 27.76
N LEU D 2 32.86 -3.16 27.95
CA LEU D 2 31.73 -3.46 27.08
C LEU D 2 31.83 -2.66 25.80
N CYS D 3 31.53 -3.29 24.66
CA CYS D 3 31.57 -2.56 23.41
C CYS D 3 30.54 -1.42 23.44
N PRO D 4 30.90 -0.22 22.99
CA PRO D 4 30.02 0.94 23.11
C PRO D 4 28.89 0.98 22.08
N PHE D 5 28.12 -0.11 22.01
CA PHE D 5 27.02 -0.14 21.05
C PHE D 5 25.87 0.76 21.49
N GLY D 6 25.77 1.08 22.79
CA GLY D 6 24.79 2.05 23.23
C GLY D 6 24.98 3.42 22.60
N GLU D 7 26.24 3.85 22.46
CA GLU D 7 26.52 5.13 21.81
C GLU D 7 26.12 5.10 20.33
N VAL D 8 26.11 3.92 19.72
CA VAL D 8 25.74 3.84 18.31
C VAL D 8 24.23 3.78 18.16
N PHE D 9 23.60 2.83 18.83
CA PHE D 9 22.18 2.59 18.60
C PHE D 9 21.30 3.64 19.26
N ASN D 10 21.75 4.20 20.37
CA ASN D 10 20.94 5.13 21.14
C ASN D 10 21.42 6.57 21.04
N ALA D 11 22.24 6.86 20.03
CA ALA D 11 22.65 8.24 19.78
C ALA D 11 21.44 9.13 19.60
N THR D 12 21.50 10.34 20.17
CA THR D 12 20.39 11.29 20.02
C THR D 12 20.20 11.68 18.56
N ARG D 13 21.29 11.96 17.86
CA ARG D 13 21.26 12.39 16.47
C ARG D 13 21.96 11.36 15.60
N PHE D 14 21.42 11.10 14.41
CA PHE D 14 22.05 10.22 13.44
C PHE D 14 22.53 11.05 12.25
N ALA D 15 23.50 10.49 11.52
CA ALA D 15 24.03 11.15 10.33
C ALA D 15 23.05 11.11 9.18
N SER D 16 23.14 12.12 8.30
CA SER D 16 22.57 11.99 6.97
C SER D 16 23.29 10.87 6.20
N VAL D 17 22.54 10.18 5.34
CA VAL D 17 23.10 9.00 4.69
C VAL D 17 24.29 9.35 3.79
N TYR D 18 24.25 10.53 3.12
CA TYR D 18 25.39 10.86 2.27
C TYR D 18 26.66 11.03 3.09
N ALA D 19 26.53 11.44 4.35
CA ALA D 19 27.64 11.66 5.26
C ALA D 19 27.65 10.61 6.36
N TRP D 20 27.33 9.36 5.99
CA TRP D 20 27.13 8.29 6.95
C TRP D 20 28.29 8.18 7.93
N ASN D 21 27.96 7.94 9.20
CA ASN D 21 28.93 7.82 10.27
C ASN D 21 29.51 6.43 10.34
N ARG D 22 30.82 6.33 10.62
CA ARG D 22 31.46 5.05 10.87
C ARG D 22 32.12 5.09 12.25
N LYS D 23 31.79 4.12 13.08
CA LYS D 23 32.39 3.97 14.41
C LYS D 23 33.15 2.66 14.40
N ARG D 24 34.45 2.71 14.70
CA ARG D 24 35.23 1.50 14.83
C ARG D 24 35.06 0.95 16.24
N ILE D 25 34.72 -0.34 16.33
CA ILE D 25 34.57 -1.04 17.60
C ILE D 25 35.84 -1.85 17.84
N SER D 26 36.43 -1.73 19.03
CA SER D 26 37.66 -2.49 19.30
C SER D 26 37.85 -2.68 20.79
N ASN D 27 38.65 -3.71 21.12
CA ASN D 27 39.14 -3.95 22.48
C ASN D 27 37.99 -3.99 23.48
N CYS D 28 37.01 -4.85 23.22
CA CYS D 28 35.80 -4.84 24.01
C CYS D 28 35.05 -6.14 23.81
N VAL D 29 34.06 -6.37 24.68
CA VAL D 29 33.21 -7.55 24.62
C VAL D 29 31.79 -7.10 24.34
N ALA D 30 31.11 -7.81 23.44
CA ALA D 30 29.74 -7.49 23.10
C ALA D 30 28.88 -8.74 23.26
N ASP D 31 27.58 -8.53 23.42
CA ASP D 31 26.62 -9.63 23.38
C ASP D 31 25.63 -9.32 22.27
N TYR D 32 25.82 -9.96 21.11
CA TYR D 32 24.97 -9.69 19.96
C TYR D 32 23.59 -10.31 20.10
N SER D 33 23.43 -11.33 20.93
CA SER D 33 22.10 -11.86 21.21
C SER D 33 21.20 -10.79 21.82
N VAL D 34 21.77 -9.87 22.61
CA VAL D 34 21.00 -8.78 23.19
C VAL D 34 20.37 -7.93 22.10
N LEU D 35 21.16 -7.57 21.08
CA LEU D 35 20.62 -6.86 19.93
C LEU D 35 19.59 -7.71 19.19
N TYR D 36 19.92 -8.97 18.92
CA TYR D 36 19.08 -9.79 18.07
C TYR D 36 17.75 -10.12 18.73
N ASN D 37 17.71 -10.19 20.07
CA ASN D 37 16.47 -10.47 20.78
C ASN D 37 15.64 -9.21 21.03
N SER D 38 16.07 -8.06 20.53
CA SER D 38 15.37 -6.80 20.79
C SER D 38 14.07 -6.68 20.00
N ALA D 39 13.03 -6.20 20.68
CA ALA D 39 11.78 -5.86 20.02
C ALA D 39 11.86 -4.56 19.20
N SER D 40 12.98 -3.86 19.23
CA SER D 40 13.06 -2.54 18.58
C SER D 40 13.24 -2.62 17.08
N PHE D 41 13.85 -3.68 16.56
CA PHE D 41 14.37 -3.69 15.21
C PHE D 41 13.39 -4.37 14.25
N SER D 42 12.97 -3.64 13.22
CA SER D 42 12.10 -4.20 12.20
C SER D 42 12.87 -4.84 11.05
N THR D 43 14.16 -4.52 10.91
CA THR D 43 15.06 -5.22 10.01
C THR D 43 16.25 -5.70 10.84
N PHE D 44 16.59 -6.99 10.70
CA PHE D 44 17.82 -7.53 11.29
C PHE D 44 18.26 -8.65 10.34
N LYS D 45 19.03 -8.29 9.32
CA LYS D 45 19.40 -9.20 8.25
C LYS D 45 20.91 -9.33 8.19
N CYS D 46 21.39 -10.57 8.23
CA CYS D 46 22.83 -10.82 8.25
C CYS D 46 23.24 -11.58 7.01
N TYR D 47 24.50 -11.40 6.63
CA TYR D 47 25.06 -11.95 5.40
C TYR D 47 26.43 -12.48 5.74
N GLY D 48 26.67 -13.76 5.47
CA GLY D 48 27.95 -14.37 5.76
C GLY D 48 28.20 -14.65 7.23
N VAL D 49 27.32 -14.23 8.12
CA VAL D 49 27.38 -14.52 9.54
C VAL D 49 25.97 -14.82 10.00
N SER D 50 25.86 -15.58 11.02
CA SER D 50 24.58 -15.80 11.65
C SER D 50 24.53 -14.99 12.93
N PRO D 51 23.45 -14.27 13.19
CA PRO D 51 23.44 -13.35 14.35
C PRO D 51 23.67 -14.05 15.67
N THR D 52 23.17 -15.27 15.81
CA THR D 52 23.34 -16.02 17.05
C THR D 52 24.71 -16.67 17.17
N LYS D 53 25.60 -16.47 16.19
CA LYS D 53 26.93 -17.04 16.19
C LYS D 53 28.01 -15.97 16.27
N LEU D 54 27.63 -14.69 16.25
CA LEU D 54 28.58 -13.59 16.40
C LEU D 54 29.28 -13.64 17.75
N ASN D 55 28.59 -14.15 18.77
CA ASN D 55 29.19 -14.27 20.10
C ASN D 55 30.32 -15.30 20.16
N ASP D 56 30.50 -16.10 19.12
CA ASP D 56 31.37 -17.27 19.16
C ASP D 56 32.78 -17.00 18.67
N LEU D 57 33.08 -15.77 18.24
CA LEU D 57 34.35 -15.43 17.62
C LEU D 57 34.84 -14.10 18.14
N CYS D 58 36.16 -13.95 18.26
CA CYS D 58 36.79 -12.64 18.36
C CYS D 58 37.19 -12.18 16.98
N PHE D 59 36.83 -10.95 16.63
CA PHE D 59 37.10 -10.38 15.30
C PHE D 59 38.22 -9.35 15.36
N THR D 60 38.80 -9.09 14.19
CA THR D 60 39.85 -8.07 14.03
C THR D 60 39.28 -6.67 13.82
N ASN D 61 38.41 -6.51 12.81
CA ASN D 61 37.76 -5.24 12.51
C ASN D 61 36.26 -5.42 12.71
N VAL D 62 35.65 -4.55 13.49
CA VAL D 62 34.20 -4.43 13.54
C VAL D 62 33.85 -2.97 13.39
N TYR D 63 33.01 -2.66 12.42
CA TYR D 63 32.60 -1.28 12.18
C TYR D 63 31.09 -1.17 12.31
N ALA D 64 30.64 -0.06 12.88
CA ALA D 64 29.21 0.26 12.93
C ALA D 64 29.01 1.52 12.12
N ASP D 65 28.37 1.38 10.96
CA ASP D 65 27.99 2.52 10.12
C ASP D 65 26.53 2.86 10.38
N SER D 66 26.22 4.15 10.50
CA SER D 66 24.85 4.52 10.87
C SER D 66 24.41 5.78 10.15
N PHE D 67 23.10 5.86 9.89
CA PHE D 67 22.51 6.95 9.11
C PHE D 67 21.00 6.78 9.11
N VAL D 68 20.31 7.78 8.54
CA VAL D 68 18.86 7.77 8.37
C VAL D 68 18.53 7.78 6.88
N ILE D 69 17.54 6.96 6.48
CA ILE D 69 16.96 6.94 5.12
C ILE D 69 15.45 6.76 5.26
N ARG D 70 14.75 6.75 4.12
CA ARG D 70 13.32 6.50 4.08
C ARG D 70 13.01 5.03 4.27
N GLY D 71 11.82 4.74 4.82
CA GLY D 71 11.40 3.35 4.94
C GLY D 71 11.51 2.57 3.64
N ASP D 72 11.07 3.19 2.54
CA ASP D 72 11.11 2.51 1.24
C ASP D 72 12.52 2.21 0.75
N GLU D 73 13.55 2.79 1.37
CA GLU D 73 14.93 2.62 0.92
C GLU D 73 15.72 1.62 1.74
N VAL D 74 15.13 1.08 2.81
CA VAL D 74 15.90 0.16 3.66
C VAL D 74 16.30 -1.08 2.86
N ARG D 75 15.47 -1.48 1.89
CA ARG D 75 15.80 -2.62 1.04
C ARG D 75 17.06 -2.38 0.20
N GLN D 76 17.47 -1.13 -0.01
CA GLN D 76 18.69 -0.88 -0.75
C GLN D 76 19.95 -1.14 0.08
N ILE D 77 19.81 -1.25 1.41
CA ILE D 77 20.97 -1.51 2.25
C ILE D 77 21.15 -3.02 2.31
N ALA D 78 21.59 -3.60 1.20
CA ALA D 78 21.80 -5.03 1.07
C ALA D 78 22.77 -5.24 -0.08
N PRO D 79 23.50 -6.34 -0.10
CA PRO D 79 24.39 -6.61 -1.24
C PRO D 79 23.62 -6.68 -2.55
N GLY D 80 24.21 -6.12 -3.60
CA GLY D 80 23.70 -6.27 -4.94
C GLY D 80 22.51 -5.38 -5.31
N GLN D 81 22.19 -4.41 -4.49
CA GLN D 81 21.03 -3.56 -4.74
C GLN D 81 21.42 -2.34 -5.57
N THR D 82 20.39 -1.69 -6.16
CA THR D 82 20.56 -0.46 -6.90
C THR D 82 19.47 0.52 -6.47
N GLY D 83 19.64 1.77 -6.87
CA GLY D 83 18.77 2.87 -6.48
C GLY D 83 19.59 4.03 -5.99
N LYS D 84 18.88 5.13 -5.66
CA LYS D 84 19.62 6.35 -5.32
C LYS D 84 20.51 6.17 -4.09
N ILE D 85 20.08 5.36 -3.14
CA ILE D 85 20.87 5.20 -1.92
C ILE D 85 22.06 4.26 -2.18
N ALA D 86 21.79 3.07 -2.70
CA ALA D 86 22.89 2.14 -2.99
C ALA D 86 23.86 2.74 -3.99
N ASP D 87 23.36 3.46 -5.00
CA ASP D 87 24.25 3.94 -6.06
C ASP D 87 25.04 5.18 -5.63
N TYR D 88 24.40 6.14 -4.94
CA TYR D 88 25.01 7.43 -4.74
C TYR D 88 25.28 7.80 -3.29
N ASN D 89 24.92 6.94 -2.33
CA ASN D 89 25.02 7.34 -0.92
C ASN D 89 25.75 6.33 -0.05
N TYR D 90 25.31 5.08 -0.03
CA TYR D 90 25.93 4.07 0.84
C TYR D 90 25.83 2.72 0.14
N LYS D 91 26.98 2.13 -0.19
CA LYS D 91 27.04 0.94 -1.02
C LYS D 91 27.66 -0.23 -0.24
N LEU D 92 26.89 -1.30 -0.08
CA LEU D 92 27.48 -2.51 0.49
C LEU D 92 28.17 -3.34 -0.60
N PRO D 93 29.19 -4.11 -0.24
CA PRO D 93 29.85 -4.96 -1.22
C PRO D 93 29.00 -6.16 -1.59
N ASP D 94 29.29 -6.71 -2.78
CA ASP D 94 28.53 -7.86 -3.28
C ASP D 94 28.59 -9.04 -2.33
N ASP D 95 29.73 -9.24 -1.66
CA ASP D 95 29.92 -10.38 -0.77
C ASP D 95 30.13 -9.93 0.67
N PHE D 96 29.29 -8.98 1.07
CA PHE D 96 29.31 -8.39 2.40
C PHE D 96 29.25 -9.44 3.50
N THR D 97 30.05 -9.22 4.55
CA THR D 97 30.02 -10.03 5.78
C THR D 97 29.57 -9.12 6.93
N GLY D 98 28.33 -9.26 7.37
CA GLY D 98 27.85 -8.44 8.47
C GLY D 98 26.34 -8.42 8.51
N CYS D 99 25.81 -7.48 9.30
CA CYS D 99 24.38 -7.39 9.55
C CYS D 99 23.87 -5.97 9.30
N VAL D 100 22.65 -5.88 8.80
CA VAL D 100 21.94 -4.63 8.58
C VAL D 100 20.77 -4.58 9.55
N ILE D 101 20.74 -3.55 10.39
CA ILE D 101 19.75 -3.42 11.45
C ILE D 101 19.04 -2.09 11.25
N ALA D 102 17.71 -2.09 11.29
CA ALA D 102 16.97 -0.85 11.07
C ALA D 102 15.73 -0.81 11.93
N TRP D 103 15.29 0.41 12.24
CA TRP D 103 14.07 0.62 13.01
C TRP D 103 13.45 1.94 12.61
N ASN D 104 12.13 1.99 12.74
CA ASN D 104 11.39 3.20 12.41
C ASN D 104 11.70 4.29 13.44
N SER D 105 12.08 5.48 12.96
CA SER D 105 12.44 6.57 13.85
C SER D 105 11.54 7.78 13.68
N ASN D 106 10.30 7.56 13.21
CA ASN D 106 9.35 8.66 13.06
C ASN D 106 9.24 9.52 14.32
N ASN D 107 9.27 8.89 15.49
CA ASN D 107 9.04 9.62 16.73
C ASN D 107 10.19 10.55 17.08
N LEU D 108 11.38 10.31 16.54
CA LEU D 108 12.57 11.10 16.81
C LEU D 108 12.93 12.05 15.68
N ASP D 109 12.74 11.61 14.43
CA ASP D 109 13.31 12.27 13.27
C ASP D 109 12.29 12.99 12.40
N SER D 110 11.00 12.86 12.68
CA SER D 110 9.99 13.64 11.99
C SER D 110 9.69 14.88 12.82
N LYS D 111 9.22 15.93 12.14
CA LYS D 111 8.77 17.13 12.82
C LYS D 111 7.46 17.57 12.20
N VAL D 112 6.51 17.98 13.03
CA VAL D 112 5.32 18.64 12.53
C VAL D 112 5.75 19.81 11.65
N GLY D 113 5.19 19.87 10.45
CA GLY D 113 5.67 20.82 9.46
C GLY D 113 6.92 20.41 8.74
N GLY D 114 7.55 19.30 9.13
CA GLY D 114 8.65 18.76 8.37
C GLY D 114 10.02 18.91 8.99
N ASN D 115 10.72 17.79 9.17
CA ASN D 115 12.16 17.82 9.41
C ASN D 115 12.86 17.67 8.07
N TYR D 116 13.64 18.67 7.69
CA TYR D 116 14.35 18.68 6.42
C TYR D 116 15.86 18.63 6.62
N ASN D 117 16.32 18.26 7.82
CA ASN D 117 17.74 18.27 8.15
C ASN D 117 18.47 17.00 7.69
N TYR D 118 17.75 15.92 7.42
CA TYR D 118 18.37 14.71 6.89
C TYR D 118 18.42 14.80 5.37
N LEU D 119 19.60 14.59 4.81
CA LEU D 119 19.83 14.76 3.37
C LEU D 119 20.30 13.48 2.73
N TYR D 120 20.13 13.41 1.42
CA TYR D 120 20.71 12.35 0.60
C TYR D 120 21.28 12.97 -0.66
N ARG D 121 22.28 12.31 -1.25
CA ARG D 121 22.83 12.77 -2.51
C ARG D 121 21.89 12.34 -3.63
N LEU D 122 21.33 13.32 -4.33
CA LEU D 122 20.41 13.11 -5.44
C LEU D 122 21.12 13.08 -6.78
N PHE D 123 22.11 13.95 -6.98
CA PHE D 123 22.80 14.04 -8.26
C PHE D 123 24.24 13.57 -8.12
N ARG D 124 24.60 12.57 -8.91
CA ARG D 124 25.97 12.08 -9.01
C ARG D 124 26.11 11.46 -10.40
N LYS D 125 27.32 11.51 -10.96
CA LYS D 125 27.54 11.02 -12.31
C LYS D 125 27.75 9.51 -12.35
N SER D 126 28.32 8.94 -11.29
CA SER D 126 28.67 7.53 -11.30
C SER D 126 28.39 6.93 -9.93
N ASN D 127 28.36 5.60 -9.87
CA ASN D 127 28.02 4.87 -8.66
C ASN D 127 29.20 4.84 -7.70
N LEU D 128 28.88 4.83 -6.41
CA LEU D 128 29.90 4.64 -5.38
C LEU D 128 30.46 3.22 -5.42
N LYS D 129 31.74 3.10 -5.04
CA LYS D 129 32.31 1.81 -4.70
C LYS D 129 31.84 1.39 -3.31
N PRO D 130 31.91 0.10 -2.98
CA PRO D 130 31.47 -0.33 -1.64
C PRO D 130 32.22 0.40 -0.53
N PHE D 131 31.45 0.85 0.46
CA PHE D 131 31.93 1.58 1.63
C PHE D 131 32.55 2.93 1.28
N GLU D 132 32.31 3.44 0.07
CA GLU D 132 32.79 4.77 -0.28
C GLU D 132 31.87 5.82 0.33
N ARG D 133 32.46 6.97 0.66
CA ARG D 133 31.71 8.10 1.19
C ARG D 133 32.04 9.34 0.36
N ASP D 134 31.00 10.06 -0.06
CA ASP D 134 31.14 11.30 -0.83
C ASP D 134 30.41 12.39 -0.06
N ILE D 135 31.15 13.34 0.51
CA ILE D 135 30.53 14.44 1.23
C ILE D 135 30.70 15.76 0.48
N SER D 136 31.00 15.71 -0.81
CA SER D 136 31.25 16.92 -1.56
C SER D 136 29.94 17.68 -1.79
N THR D 137 30.08 19.00 -1.98
CA THR D 137 28.92 19.87 -2.21
C THR D 137 29.13 20.71 -3.46
N GLU D 138 29.80 20.16 -4.46
CA GLU D 138 29.99 20.88 -5.72
C GLU D 138 28.69 20.92 -6.50
N ILE D 139 28.45 22.05 -7.19
CA ILE D 139 27.28 22.16 -8.05
C ILE D 139 27.39 21.14 -9.17
N TYR D 140 26.31 20.41 -9.40
CA TYR D 140 26.32 19.26 -10.30
C TYR D 140 25.94 19.70 -11.72
N GLN D 141 26.78 19.36 -12.68
CA GLN D 141 26.60 19.79 -14.06
C GLN D 141 25.78 18.75 -14.81
N ALA D 142 24.59 19.14 -15.27
CA ALA D 142 23.68 18.23 -15.95
C ALA D 142 23.61 18.46 -17.45
N GLY D 143 24.27 19.50 -17.95
CA GLY D 143 24.40 19.72 -19.38
C GLY D 143 25.86 19.86 -19.76
N SER D 144 26.12 20.40 -20.94
CA SER D 144 27.50 20.56 -21.40
C SER D 144 28.13 21.88 -20.95
N THR D 145 27.35 22.77 -20.31
CA THR D 145 27.86 24.07 -19.88
C THR D 145 28.39 23.99 -18.45
N PRO D 146 29.62 24.44 -18.19
CA PRO D 146 30.12 24.43 -16.81
C PRO D 146 29.28 25.34 -15.93
N CYS D 147 29.18 24.94 -14.66
CA CYS D 147 28.35 25.65 -13.69
C CYS D 147 29.11 26.73 -12.93
N ASN D 148 30.42 26.54 -12.73
CA ASN D 148 31.26 27.54 -12.07
C ASN D 148 30.75 27.87 -10.67
N GLY D 149 30.22 26.88 -9.98
CA GLY D 149 29.76 27.05 -8.61
C GLY D 149 28.48 27.83 -8.44
N VAL D 150 27.67 27.96 -9.48
CA VAL D 150 26.43 28.75 -9.45
C VAL D 150 25.28 27.84 -9.85
N GLU D 151 24.24 27.79 -9.01
CA GLU D 151 23.07 26.98 -9.31
C GLU D 151 22.20 27.66 -10.37
N GLY D 152 21.60 26.84 -11.22
CA GLY D 152 20.68 27.34 -12.21
C GLY D 152 20.17 26.18 -13.03
N PHE D 153 19.65 26.48 -14.22
CA PHE D 153 19.28 25.40 -15.13
C PHE D 153 20.50 24.51 -15.40
N ASN D 154 20.30 23.19 -15.29
CA ASN D 154 21.35 22.17 -15.50
C ASN D 154 22.50 22.27 -14.51
N CYS D 155 22.32 23.00 -13.40
CA CYS D 155 23.38 23.25 -12.43
C CYS D 155 22.76 23.13 -11.04
N TYR D 156 22.86 21.94 -10.44
CA TYR D 156 22.04 21.59 -9.29
C TYR D 156 22.89 21.35 -8.05
N PHE D 157 22.44 21.90 -6.93
CA PHE D 157 22.99 21.48 -5.65
C PHE D 157 22.80 19.98 -5.53
N PRO D 158 23.83 19.21 -5.15
CA PRO D 158 23.75 17.76 -5.33
C PRO D 158 22.99 17.04 -4.23
N LEU D 159 22.78 17.67 -3.07
CA LEU D 159 22.07 17.02 -1.98
C LEU D 159 20.63 17.51 -1.93
N GLN D 160 19.76 16.63 -1.43
CA GLN D 160 18.33 16.89 -1.34
C GLN D 160 17.86 16.48 0.05
N SER D 161 16.97 17.26 0.64
CA SER D 161 16.46 16.89 1.95
C SER D 161 15.30 15.90 1.82
N TYR D 162 15.22 14.98 2.77
CA TYR D 162 14.00 14.21 2.95
C TYR D 162 12.94 15.09 3.60
N GLY D 163 11.70 14.89 3.20
CA GLY D 163 10.64 15.60 3.89
C GLY D 163 9.99 14.68 4.91
N PHE D 164 10.47 14.72 6.16
CA PHE D 164 10.00 13.82 7.21
C PHE D 164 8.97 14.56 8.06
N GLN D 165 7.69 14.30 7.79
CA GLN D 165 6.58 14.79 8.59
C GLN D 165 5.92 13.62 9.28
N PRO D 166 5.39 13.80 10.49
CA PRO D 166 4.91 12.63 11.25
C PRO D 166 3.74 11.91 10.60
N THR D 167 2.99 12.57 9.74
CA THR D 167 1.86 11.93 9.06
C THR D 167 2.25 11.23 7.76
N ASN D 168 3.53 11.24 7.41
CA ASN D 168 4.01 10.48 6.26
C ASN D 168 3.59 9.02 6.36
N GLY D 169 3.28 8.42 5.21
CA GLY D 169 3.19 6.97 5.16
C GLY D 169 4.51 6.32 5.53
N VAL D 170 4.43 5.05 5.94
CA VAL D 170 5.61 4.37 6.50
C VAL D 170 6.78 4.40 5.52
N GLY D 171 6.51 4.26 4.21
CA GLY D 171 7.59 4.26 3.24
C GLY D 171 8.31 5.58 3.11
N TYR D 172 7.65 6.67 3.49
CA TYR D 172 8.23 8.01 3.51
C TYR D 172 8.70 8.42 4.90
N GLN D 173 8.55 7.56 5.91
CA GLN D 173 9.00 7.86 7.27
C GLN D 173 10.49 7.57 7.43
N PRO D 174 11.13 8.23 8.39
CA PRO D 174 12.56 7.98 8.62
C PRO D 174 12.81 6.66 9.32
N TYR D 175 13.87 5.98 8.88
CA TYR D 175 14.38 4.78 9.53
C TYR D 175 15.84 5.01 9.91
N ARG D 176 16.19 4.68 11.14
CA ARG D 176 17.57 4.64 11.55
C ARG D 176 18.15 3.27 11.17
N VAL D 177 19.37 3.29 10.65
CA VAL D 177 20.03 2.09 10.15
C VAL D 177 21.41 1.98 10.79
N VAL D 178 21.76 0.79 11.25
CA VAL D 178 23.11 0.48 11.68
C VAL D 178 23.58 -0.73 10.89
N VAL D 179 24.74 -0.59 10.23
CA VAL D 179 25.35 -1.69 9.49
C VAL D 179 26.57 -2.11 10.28
N LEU D 180 26.58 -3.36 10.73
CA LEU D 180 27.73 -3.94 11.42
C LEU D 180 28.52 -4.79 10.44
N SER D 181 29.79 -4.46 10.25
CA SER D 181 30.71 -5.18 9.37
C SER D 181 31.69 -5.97 10.23
N PHE D 182 32.01 -7.19 9.83
CA PHE D 182 32.89 -8.05 10.62
C PHE D 182 34.02 -8.57 9.73
N GLU D 183 35.26 -8.43 10.20
CA GLU D 183 36.40 -8.99 9.49
C GLU D 183 37.31 -9.70 10.48
N LEU D 184 37.90 -10.80 10.04
CA LEU D 184 38.89 -11.52 10.83
C LEU D 184 40.12 -11.69 9.95
N LEU D 185 41.21 -11.04 10.33
CA LEU D 185 42.46 -11.05 9.58
C LEU D 185 43.54 -11.73 10.40
N HIS D 186 44.72 -11.89 9.79
CA HIS D 186 45.90 -12.35 10.53
C HIS D 186 46.47 -11.15 11.29
N ALA D 187 45.80 -10.83 12.39
CA ALA D 187 46.11 -9.65 13.20
C ALA D 187 45.43 -9.85 14.54
N PRO D 188 45.69 -8.97 15.51
CA PRO D 188 44.98 -9.09 16.79
C PRO D 188 43.47 -9.04 16.61
N ALA D 189 42.78 -9.92 17.33
CA ALA D 189 41.32 -10.02 17.29
C ALA D 189 40.78 -9.63 18.65
N THR D 190 40.40 -8.36 18.79
CA THR D 190 40.11 -7.78 20.10
C THR D 190 38.62 -7.51 20.31
N VAL D 191 37.77 -7.83 19.36
CA VAL D 191 36.33 -7.58 19.51
C VAL D 191 35.68 -8.94 19.73
N CYS D 192 35.30 -9.22 20.98
CA CYS D 192 34.94 -10.57 21.38
C CYS D 192 33.49 -10.64 21.85
N GLY D 193 33.00 -11.87 21.93
CA GLY D 193 31.72 -12.15 22.54
C GLY D 193 31.87 -12.23 24.04
N PRO D 194 30.78 -12.58 24.76
CA PRO D 194 30.81 -12.58 26.23
C PRO D 194 31.80 -13.57 26.80
#